data_8G8B
#
_entry.id   8G8B
#
_cell.length_a   1.00
_cell.length_b   1.00
_cell.length_c   1.00
_cell.angle_alpha   90.00
_cell.angle_beta   90.00
_cell.angle_gamma   90.00
#
_symmetry.space_group_name_H-M   'P 1'
#
loop_
_entity.id
_entity.type
_entity.pdbx_description
1 polymer 'Histone H3'
2 polymer 'Histone H4'
3 polymer 'Histone H2A'
4 polymer 'Histone H2B'
5 polymer 'nMatn1 DNA (top strand,168-MER)'
6 polymer 'nMatn1 DNA (bottom strand, 168-MER)'
7 polymer 'POU domain, class 5, transcription factor 1'
#
loop_
_entity_poly.entity_id
_entity_poly.type
_entity_poly.pdbx_seq_one_letter_code
_entity_poly.pdbx_strand_id
1 'polypeptide(L)'
;ARTKQTARKSTGGKAPRKQLATKAARKSAPATGGVKKPHRYRPGTVALREIRRYQKSTELLIRKLPFQRLVREIAQDFKT
DLRFQSSAVMALQEASEAYLVALFEDTNLCAIHAKRVTIMPKDIQLARRIRGERA
;
A,E
2 'polypeptide(L)'
;SGRGKGGKGLGKGGAKRHRKVLRDNIQGITKPAIRRLARRGGVKRISGLIYEETRGVLKVFLENVIRDAVTYTEHAKRKT
VTAMDVVYALKRQGRTLYGFGG
;
B,F
3 'polypeptide(L)'
;SGRGKQGGKTRAKAKTRSSRAGLQFPVGRVHRLLRKGNYAERVGAGAPVYLAAVLEYLTAEILELAGNAARDNKKTRIIP
RHLQLAVRNDEELNKLLGRVTIAQGGVLPNIQSVLLPKKTESSKSAKSK
;
C,G
4 'polypeptide(L)'
;AKSAPAPKKGSKKAVTKTQKKDGKKRRKTRKESYAIYVYKVLKQVHPDTGISSKAMSIMNSFVNDVFERIAGEASRLAHY
NKRSTITSREIQTAVRLLLPGELAKHAVSEGTKAVTKYTSAK
;
D,H
5 'polydeoxyribonucleotide'
;(DA)(DC)(DA)(DT)(DG)(DC)(DA)(DC)(DA)(DC)(DA)(DT)(DG)(DC)(DT)(DA)(DA)(DT)(DA)(DT)
(DA)(DT)(DG)(DC)(DA)(DC)(DA)(DC)(DA)(DA)(DT)(DG)(DC)(DA)(DC)(DA)(DC)(DA)(DG)(DG)
(DT)(DT)(DA)(DA)(DT)(DA)(DT)(DA)(DT)(DA)(DC)(DA)(DC)(DA)(DT)(DA)(DC)(DA)(DC)(DA)
(DC)(DA)(DC)(DA)(DT)(DG)(DC)(DA)(DC)(DA)(DC)(DA)(DC)(DA)(DC)(DG)(DT)(DG)(DC)(DA)
(DC)(DA)(DC)(DA)(DT)(DA)(DT)(DA)(DT)(DG)(DC)(DA)(DC)(DA)(DT)(DG)(DC)(DA)(DT)(DG)
(DC)(DA)(DC)(DA)(DC)(DA)(DC)(DG)(DT)(DA)(DT)(DA)(DT)(DG)(DC)(DA)(DC)(DA)(DC)(DA)
(DC)(DA)(DT)(DG)(DC)(DA)(DC)(DA)(DT)(DG)(DC)(DA)(DT)(DG)(DC)(DG)(DC)(DA)(DC)(DA)
(DT)(DA)(DG)(DT)(DC)(DA)(DC)(DA)(DC)(DA)(DC)(DA)(DT)(DG)(DC)(DA)(DC)(DA)(DC)(DA)
(DT)(DT)(DA)(DG)(DC)(DA)(DT)(DA)(DT)(DG)(DC)(DA)(DT)(DA)(DC)(DA)(DC)(DA)(DT)(DA)
(DC)(DA)(DT)(DG)(DC)(DA)
;
I
6 'polydeoxyribonucleotide'
;(DT)(DG)(DC)(DA)(DT)(DG)(DT)(DA)(DT)(DG)(DT)(DG)(DT)(DA)(DT)(DG)(DC)(DA)(DT)(DA)
(DT)(DG)(DC)(DT)(DA)(DA)(DT)(DG)(DT)(DG)(DT)(DG)(DC)(DA)(DT)(DG)(DT)(DG)(DT)(DG)
(DT)(DG)(DA)(DC)(DT)(DA)(DT)(DG)(DT)(DG)(DC)(DG)(DC)(DA)(DT)(DG)(DC)(DA)(DT)(DG)
(DT)(DG)(DC)(DA)(DT)(DG)(DT)(DG)(DT)(DG)(DT)(DG)(DC)(DA)(DT)(DA)(DT)(DA)(DC)(DG)
(DT)(DG)(DT)(DG)(DT)(DG)(DC)(DA)(DT)(DG)(DC)(DA)(DT)(DG)(DT)(DG)(DC)(DA)(DT)(DA)
(DT)(DA)(DT)(DG)(DT)(DG)(DT)(DG)(DC)(DA)(DC)(DG)(DT)(DG)(DT)(DG)(DT)(DG)(DT)(DG)
(DC)(DA)(DT)(DG)(DT)(DG)(DT)(DG)(DT)(DG)(DT)(DA)(DT)(DG)(DT)(DG)(DT)(DA)(DT)(DA)
(DT)(DA)(DT)(DT)(DA)(DA)(DC)(DC)(DT)(DG)(DT)(DG)(DT)(DG)(DC)(DA)(DT)(DT)(DG)(DT)
(DG)(DT)(DG)(DC)(DA)(DT)(DA)(DT)(DA)(DT)(DT)(DA)(DG)(DC)(DA)(DT)(DG)(DT)(DG)(DT)
(DG)(DC)(DA)(DT)(DG)(DT)
;
J
7 'polypeptide(L)'
;GSSHHHHHHSSGLVPRGSHMASMTGGQQMGRDPNSMAGHLASDFAFSPPPGGGGDGPGGPEPGWVDPRTWLSFQGPPGGP
GIGPGVGPGSEVWGIPPCPPPYEFCGGMAYCGPQVGVGLVPQGGLETSQPEGEAGVGVESNSDGASPEPCTVTPGAVKLE
KEKLEQNPEESQDIKALQKELEQFAKLLKQKRITLGYTQADVGLTLGVLFGKVFSQTTICRFEALQLSFKNMCKLRPLLQ
KWVEEADNNENLQEICKAETLVQARKRKRTSIENRVRGNLENLFLQCPKPTLQQISHIAQQLGLEKDVVRVWFCNRRQKG
KRSSSDYAQREDFEAAGSPFSGGPVSFPLAPGPHFGTPGYGSPHFTALYSSVPFPEGEAFPPVSVTTLGSPMHSN
;
X
#
loop_
_chem_comp.id
_chem_comp.type
_chem_comp.name
_chem_comp.formula
DA DNA linking 2'-DEOXYADENOSINE-5'-MONOPHOSPHATE 'C10 H14 N5 O6 P'
DC DNA linking 2'-DEOXYCYTIDINE-5'-MONOPHOSPHATE 'C9 H14 N3 O7 P'
DG DNA linking 2'-DEOXYGUANOSINE-5'-MONOPHOSPHATE 'C10 H14 N5 O7 P'
DT DNA linking THYMIDINE-5'-MONOPHOSPHATE 'C10 H15 N2 O8 P'
#
# COMPACT_ATOMS: atom_id res chain seq x y z
N PRO A 38 41.34 17.63 -16.75
CA PRO A 38 40.30 16.77 -17.33
C PRO A 38 38.91 17.10 -16.80
N HIS A 39 37.94 17.21 -17.68
CA HIS A 39 36.58 17.54 -17.28
C HIS A 39 35.97 16.40 -16.45
N ARG A 40 35.26 16.76 -15.40
CA ARG A 40 34.59 15.78 -14.55
C ARG A 40 33.24 16.35 -14.13
N TYR A 41 32.17 15.63 -14.44
CA TYR A 41 30.85 16.01 -13.96
C TYR A 41 30.73 15.71 -12.47
N ARG A 42 30.01 16.56 -11.77
CA ARG A 42 29.81 16.36 -10.35
C ARG A 42 28.84 15.20 -10.13
N PRO A 43 28.94 14.52 -8.98
CA PRO A 43 28.06 13.36 -8.74
C PRO A 43 26.59 13.75 -8.82
N GLY A 44 25.81 12.89 -9.47
CA GLY A 44 24.40 13.13 -9.67
C GLY A 44 24.03 13.82 -10.97
N THR A 45 25.00 14.39 -11.68
CA THR A 45 24.68 15.08 -12.93
C THR A 45 24.41 14.07 -14.05
N VAL A 46 25.37 13.19 -14.31
CA VAL A 46 25.14 12.17 -15.32
C VAL A 46 24.10 11.17 -14.87
N ALA A 47 23.88 11.01 -13.56
CA ALA A 47 22.78 10.18 -13.09
C ALA A 47 21.43 10.75 -13.54
N LEU A 48 21.27 12.07 -13.44
CA LEU A 48 20.05 12.71 -13.93
C LEU A 48 19.96 12.64 -15.45
N ARG A 49 21.10 12.77 -16.14
CA ARG A 49 21.10 12.58 -17.59
C ARG A 49 20.61 11.20 -17.97
N GLU A 50 21.06 10.16 -17.25
CA GLU A 50 20.60 8.81 -17.53
C GLU A 50 19.12 8.64 -17.18
N ILE A 51 18.65 9.27 -16.10
CA ILE A 51 17.22 9.20 -15.79
C ILE A 51 16.40 9.74 -16.96
N ARG A 52 16.79 10.90 -17.47
CA ARG A 52 16.07 11.47 -18.61
C ARG A 52 16.16 10.58 -19.84
N ARG A 53 17.36 10.07 -20.12
CA ARG A 53 17.56 9.23 -21.31
C ARG A 53 16.71 7.97 -21.25
N TYR A 54 16.71 7.28 -20.12
CA TYR A 54 16.00 6.00 -20.01
C TYR A 54 14.51 6.19 -19.76
N GLN A 55 14.07 7.36 -19.33
CA GLN A 55 12.65 7.63 -19.30
C GLN A 55 12.12 8.14 -20.64
N LYS A 56 13.01 8.57 -21.54
CA LYS A 56 12.58 8.89 -22.90
C LYS A 56 12.44 7.66 -23.78
N SER A 57 13.13 6.58 -23.48
CA SER A 57 13.20 5.42 -24.35
C SER A 57 12.30 4.29 -23.86
N THR A 58 12.16 3.27 -24.70
CA THR A 58 11.28 2.14 -24.40
C THR A 58 11.95 0.78 -24.57
N GLU A 59 13.21 0.72 -24.99
CA GLU A 59 13.86 -0.55 -25.26
C GLU A 59 14.12 -1.31 -23.97
N LEU A 60 14.27 -2.63 -24.11
CA LEU A 60 14.59 -3.46 -22.96
C LEU A 60 15.99 -3.11 -22.43
N LEU A 61 16.11 -3.13 -21.10
CA LEU A 61 17.34 -2.71 -20.45
C LEU A 61 18.21 -3.85 -19.96
N ILE A 62 17.66 -5.05 -19.89
CA ILE A 62 18.43 -6.25 -19.58
C ILE A 62 18.86 -6.89 -20.89
N ARG A 63 20.08 -7.41 -20.94
CA ARG A 63 20.53 -8.12 -22.13
C ARG A 63 19.68 -9.36 -22.35
N LYS A 64 19.37 -9.64 -23.62
CA LYS A 64 18.38 -10.66 -23.94
C LYS A 64 18.91 -12.07 -23.65
N LEU A 65 20.14 -12.35 -24.06
CA LEU A 65 20.68 -13.71 -23.91
C LEU A 65 20.84 -14.12 -22.45
N PRO A 66 21.44 -13.32 -21.56
CA PRO A 66 21.47 -13.73 -20.15
C PRO A 66 20.09 -13.88 -19.53
N PHE A 67 19.12 -13.05 -19.92
CA PHE A 67 17.77 -13.21 -19.39
C PHE A 67 17.15 -14.51 -19.87
N GLN A 68 17.36 -14.88 -21.14
CA GLN A 68 16.87 -16.15 -21.64
C GLN A 68 17.50 -17.31 -20.89
N ARG A 69 18.81 -17.23 -20.63
CA ARG A 69 19.47 -18.27 -19.85
C ARG A 69 18.88 -18.37 -18.45
N LEU A 70 18.61 -17.23 -17.81
CA LEU A 70 17.99 -17.24 -16.50
C LEU A 70 16.60 -17.87 -16.53
N VAL A 71 15.80 -17.53 -17.55
CA VAL A 71 14.46 -18.07 -17.66
C VAL A 71 14.50 -19.58 -17.80
N ARG A 72 15.40 -20.09 -18.65
CA ARG A 72 15.51 -21.53 -18.84
C ARG A 72 16.01 -22.22 -17.56
N GLU A 73 16.97 -21.60 -16.87
CA GLU A 73 17.46 -22.17 -15.62
C GLU A 73 16.34 -22.27 -14.59
N ILE A 74 15.51 -21.23 -14.50
CA ILE A 74 14.41 -21.26 -13.53
C ILE A 74 13.38 -22.30 -13.93
N ALA A 75 13.06 -22.40 -15.22
CA ALA A 75 12.08 -23.38 -15.69
C ALA A 75 12.57 -24.81 -15.56
N GLN A 76 13.88 -25.04 -15.47
CA GLN A 76 14.37 -26.39 -15.24
C GLN A 76 13.81 -27.01 -13.97
N ASP A 77 13.61 -26.20 -12.93
CA ASP A 77 13.11 -26.72 -11.65
C ASP A 77 11.66 -27.17 -11.72
N PHE A 78 10.95 -26.84 -12.78
CA PHE A 78 9.57 -27.27 -12.97
C PHE A 78 9.43 -28.39 -14.00
N LYS A 79 10.25 -28.38 -15.05
CA LYS A 79 10.24 -29.43 -16.05
C LYS A 79 11.64 -29.60 -16.62
N THR A 80 11.85 -30.76 -17.23
CA THR A 80 13.03 -31.03 -18.03
C THR A 80 12.65 -31.03 -19.51
N ASP A 81 13.63 -30.70 -20.35
CA ASP A 81 13.45 -30.68 -21.80
C ASP A 81 12.33 -29.72 -22.20
N LEU A 82 12.34 -28.54 -21.59
CA LEU A 82 11.37 -27.50 -21.87
C LEU A 82 11.86 -26.62 -23.02
N ARG A 83 11.00 -26.40 -24.01
CA ARG A 83 11.28 -25.46 -25.08
C ARG A 83 10.47 -24.19 -24.90
N PHE A 84 11.01 -23.08 -25.38
CA PHE A 84 10.38 -21.78 -25.24
C PHE A 84 10.22 -21.14 -26.62
N GLN A 85 9.02 -20.62 -26.87
CA GLN A 85 8.85 -19.71 -27.99
C GLN A 85 9.63 -18.43 -27.70
N SER A 86 10.18 -17.82 -28.74
CA SER A 86 10.93 -16.58 -28.56
C SER A 86 10.03 -15.48 -28.04
N SER A 87 8.79 -15.40 -28.52
CA SER A 87 7.83 -14.45 -28.01
C SER A 87 7.49 -14.69 -26.54
N ALA A 88 7.53 -15.94 -26.08
CA ALA A 88 7.30 -16.19 -24.65
C ALA A 88 8.39 -15.58 -23.80
N VAL A 89 9.65 -15.73 -24.20
CA VAL A 89 10.76 -15.14 -23.46
C VAL A 89 10.70 -13.62 -23.53
N MET A 90 10.30 -13.08 -24.69
CA MET A 90 10.15 -11.64 -24.80
C MET A 90 9.05 -11.11 -23.89
N ALA A 91 7.92 -11.83 -23.80
CA ALA A 91 6.85 -11.45 -22.89
C ALA A 91 7.32 -11.49 -21.44
N LEU A 92 8.06 -12.54 -21.09
CA LEU A 92 8.61 -12.63 -19.73
C LEU A 92 9.54 -11.48 -19.42
N GLN A 93 10.41 -11.12 -20.37
CA GLN A 93 11.34 -10.01 -20.13
C GLN A 93 10.60 -8.68 -20.01
N GLU A 94 9.59 -8.47 -20.86
CA GLU A 94 8.81 -7.23 -20.78
C GLU A 94 8.12 -7.11 -19.43
N ALA A 95 7.47 -8.19 -18.98
CA ALA A 95 6.80 -8.15 -17.68
C ALA A 95 7.80 -7.96 -16.55
N SER A 96 8.95 -8.64 -16.60
CA SER A 96 9.95 -8.52 -15.55
C SER A 96 10.48 -7.09 -15.46
N GLU A 97 10.80 -6.48 -16.59
CA GLU A 97 11.34 -5.13 -16.57
C GLU A 97 10.30 -4.12 -16.12
N ALA A 98 9.05 -4.27 -16.55
CA ALA A 98 8.00 -3.38 -16.08
C ALA A 98 7.82 -3.49 -14.58
N TYR A 99 7.82 -4.73 -14.06
CA TYR A 99 7.66 -4.95 -12.63
C TYR A 99 8.82 -4.33 -11.85
N LEU A 100 10.05 -4.52 -12.33
CA LEU A 100 11.21 -3.96 -11.63
C LEU A 100 11.21 -2.44 -11.67
N VAL A 101 10.78 -1.85 -12.79
CA VAL A 101 10.76 -0.39 -12.88
C VAL A 101 9.71 0.19 -11.93
N ALA A 102 8.53 -0.43 -11.88
CA ALA A 102 7.51 0.03 -10.93
C ALA A 102 7.99 -0.11 -9.49
N LEU A 103 8.65 -1.24 -9.19
CA LEU A 103 9.22 -1.43 -7.86
C LEU A 103 10.26 -0.37 -7.53
N PHE A 104 11.10 -0.02 -8.51
CA PHE A 104 12.11 1.02 -8.26
C PHE A 104 11.47 2.37 -8.05
N GLU A 105 10.38 2.67 -8.74
CA GLU A 105 9.65 3.92 -8.46
C GLU A 105 9.14 3.95 -7.03
N ASP A 106 8.51 2.85 -6.58
CA ASP A 106 8.02 2.80 -5.21
C ASP A 106 9.17 2.87 -4.20
N THR A 107 10.27 2.21 -4.50
CA THR A 107 11.45 2.24 -3.64
C THR A 107 12.03 3.65 -3.54
N ASN A 108 12.05 4.37 -4.65
CA ASN A 108 12.50 5.76 -4.64
C ASN A 108 11.60 6.62 -3.77
N LEU A 109 10.29 6.40 -3.85
CA LEU A 109 9.39 7.14 -2.98
C LEU A 109 9.65 6.83 -1.50
N CYS A 110 9.91 5.56 -1.18
CA CYS A 110 10.24 5.20 0.20
C CYS A 110 11.54 5.86 0.65
N ALA A 111 12.55 5.90 -0.22
CA ALA A 111 13.83 6.51 0.13
C ALA A 111 13.67 8.01 0.36
N ILE A 112 12.92 8.68 -0.51
CA ILE A 112 12.70 10.11 -0.35
C ILE A 112 11.90 10.40 0.92
N HIS A 113 10.95 9.51 1.24
CA HIS A 113 10.18 9.66 2.48
C HIS A 113 11.09 9.69 3.71
N ALA A 114 12.17 8.90 3.69
CA ALA A 114 13.13 8.87 4.77
C ALA A 114 14.19 9.95 4.65
N LYS A 115 13.96 10.96 3.82
CA LYS A 115 14.87 12.10 3.64
C LYS A 115 16.24 11.64 3.13
N ARG A 116 16.23 10.72 2.17
CA ARG A 116 17.44 10.25 1.50
C ARG A 116 17.24 10.36 0.00
N VAL A 117 18.35 10.27 -0.73
CA VAL A 117 18.32 10.21 -2.19
C VAL A 117 18.85 8.90 -2.74
N THR A 118 19.41 8.03 -1.90
CA THR A 118 19.92 6.74 -2.34
C THR A 118 19.00 5.63 -1.85
N ILE A 119 18.55 4.79 -2.78
CA ILE A 119 17.70 3.67 -2.41
C ILE A 119 18.55 2.60 -1.73
N MET A 120 17.95 1.92 -0.76
CA MET A 120 18.60 0.91 0.05
C MET A 120 17.72 -0.33 0.10
N PRO A 121 18.28 -1.49 0.44
CA PRO A 121 17.46 -2.71 0.48
C PRO A 121 16.24 -2.60 1.38
N LYS A 122 16.34 -1.87 2.48
CA LYS A 122 15.19 -1.70 3.35
C LYS A 122 14.08 -0.91 2.66
N ASP A 123 14.43 0.01 1.76
CA ASP A 123 13.40 0.70 0.97
C ASP A 123 12.64 -0.28 0.09
N ILE A 124 13.36 -1.19 -0.58
CA ILE A 124 12.70 -2.21 -1.40
C ILE A 124 11.83 -3.10 -0.53
N GLN A 125 12.33 -3.50 0.64
CA GLN A 125 11.57 -4.36 1.52
C GLN A 125 10.28 -3.68 1.99
N LEU A 126 10.37 -2.39 2.33
CA LEU A 126 9.18 -1.64 2.73
C LEU A 126 8.19 -1.54 1.57
N ALA A 127 8.68 -1.24 0.37
CA ALA A 127 7.78 -1.12 -0.77
C ALA A 127 7.05 -2.42 -1.04
N ARG A 128 7.78 -3.55 -0.98
CA ARG A 128 7.15 -4.84 -1.22
C ARG A 128 6.18 -5.21 -0.11
N ARG A 129 6.51 -4.87 1.14
CA ARG A 129 5.61 -5.15 2.25
C ARG A 129 4.31 -4.36 2.11
N ILE A 130 4.41 -3.08 1.76
CA ILE A 130 3.20 -2.29 1.55
C ILE A 130 2.40 -2.81 0.36
N ARG A 131 3.09 -3.17 -0.71
CA ARG A 131 2.41 -3.70 -1.89
C ARG A 131 1.73 -5.04 -1.63
N GLY A 132 2.11 -5.74 -0.57
CA GLY A 132 1.61 -7.07 -0.32
C GLY A 132 2.41 -8.17 -0.97
N GLU A 133 3.60 -7.87 -1.48
CA GLU A 133 4.45 -8.88 -2.13
C GLU A 133 5.40 -9.52 -1.13
N ARG A 134 4.87 -10.02 -0.02
CA ARG A 134 5.69 -10.59 1.04
C ARG A 134 4.92 -11.64 1.83
N LEU B 22 22.83 -24.98 -17.50
CA LEU B 22 22.54 -23.62 -17.06
C LEU B 22 22.67 -23.50 -15.55
N ARG B 23 23.77 -22.88 -15.11
CA ARG B 23 24.08 -22.74 -13.69
C ARG B 23 24.48 -21.30 -13.39
N ASP B 24 23.86 -20.74 -12.35
CA ASP B 24 24.20 -19.41 -11.83
C ASP B 24 24.04 -18.34 -12.91
N ASN B 25 22.85 -18.28 -13.48
CA ASN B 25 22.52 -17.29 -14.50
C ASN B 25 21.96 -16.01 -13.91
N ILE B 26 21.73 -15.96 -12.60
CA ILE B 26 21.21 -14.75 -11.98
C ILE B 26 22.23 -13.61 -12.05
N GLN B 27 23.52 -13.94 -12.06
CA GLN B 27 24.54 -12.92 -12.21
C GLN B 27 24.59 -12.34 -13.62
N GLY B 28 23.87 -12.94 -14.57
CA GLY B 28 23.71 -12.32 -15.87
C GLY B 28 22.88 -11.06 -15.84
N ILE B 29 22.10 -10.85 -14.77
CA ILE B 29 21.46 -9.58 -14.51
C ILE B 29 22.50 -8.68 -13.88
N THR B 30 23.22 -7.94 -14.71
CA THR B 30 24.43 -7.26 -14.28
C THR B 30 24.09 -5.98 -13.50
N LYS B 31 25.11 -5.44 -12.85
CA LYS B 31 24.98 -4.15 -12.18
C LYS B 31 24.56 -3.04 -13.14
N PRO B 32 25.15 -2.87 -14.32
CA PRO B 32 24.65 -1.82 -15.23
C PRO B 32 23.20 -1.99 -15.65
N ALA B 33 22.73 -3.24 -15.82
CA ALA B 33 21.33 -3.44 -16.19
C ALA B 33 20.39 -3.02 -15.07
N ILE B 34 20.73 -3.38 -13.83
CA ILE B 34 19.92 -2.98 -12.68
C ILE B 34 19.96 -1.47 -12.52
N ARG B 35 21.11 -0.85 -12.78
CA ARG B 35 21.20 0.61 -12.71
C ARG B 35 20.33 1.27 -13.78
N ARG B 36 20.31 0.71 -15.00
CA ARG B 36 19.43 1.25 -16.03
C ARG B 36 17.97 1.12 -15.64
N LEU B 37 17.59 -0.03 -15.07
CA LEU B 37 16.21 -0.21 -14.61
C LEU B 37 15.86 0.80 -13.52
N ALA B 38 16.79 1.08 -12.62
CA ALA B 38 16.55 2.07 -11.58
C ALA B 38 16.46 3.48 -12.17
N ARG B 39 17.27 3.79 -13.19
CA ARG B 39 17.18 5.08 -13.85
C ARG B 39 15.82 5.28 -14.52
N ARG B 40 15.31 4.25 -15.19
CA ARG B 40 13.97 4.35 -15.76
C ARG B 40 12.93 4.58 -14.66
N GLY B 41 13.17 4.07 -13.47
CA GLY B 41 12.32 4.31 -12.33
C GLY B 41 12.55 5.63 -11.62
N GLY B 42 13.48 6.45 -12.12
CA GLY B 42 13.72 7.75 -11.54
C GLY B 42 14.66 7.78 -10.36
N VAL B 43 15.46 6.73 -10.18
CA VAL B 43 16.36 6.65 -9.03
C VAL B 43 17.67 7.36 -9.37
N LYS B 44 18.13 8.21 -8.46
CA LYS B 44 19.33 9.01 -8.66
C LYS B 44 20.58 8.40 -8.04
N ARG B 45 20.44 7.76 -6.88
CA ARG B 45 21.58 7.21 -6.16
C ARG B 45 21.23 5.81 -5.68
N ILE B 46 22.18 4.87 -5.82
CA ILE B 46 21.93 3.46 -5.56
C ILE B 46 23.01 2.94 -4.62
N SER B 47 22.58 2.31 -3.52
CA SER B 47 23.53 1.69 -2.62
C SER B 47 24.05 0.39 -3.22
N GLY B 48 25.25 -0.01 -2.77
CA GLY B 48 25.90 -1.18 -3.33
C GLY B 48 25.20 -2.49 -3.00
N LEU B 49 24.34 -2.50 -1.99
CA LEU B 49 23.61 -3.70 -1.61
C LEU B 49 22.31 -3.87 -2.39
N ILE B 50 21.97 -2.94 -3.26
CA ILE B 50 20.72 -3.00 -4.01
C ILE B 50 20.73 -4.15 -5.00
N TYR B 51 21.89 -4.44 -5.59
CA TYR B 51 21.93 -5.35 -6.73
C TYR B 51 21.55 -6.79 -6.36
N GLU B 52 22.07 -7.28 -5.23
CA GLU B 52 21.74 -8.64 -4.81
C GLU B 52 20.27 -8.74 -4.40
N GLU B 53 19.75 -7.73 -3.71
CA GLU B 53 18.34 -7.72 -3.35
C GLU B 53 17.44 -7.70 -4.58
N THR B 54 17.82 -6.91 -5.59
CA THR B 54 17.06 -6.88 -6.84
C THR B 54 17.12 -8.22 -7.55
N ARG B 55 18.27 -8.87 -7.54
CA ARG B 55 18.38 -10.19 -8.16
C ARG B 55 17.46 -11.19 -7.46
N GLY B 56 17.42 -11.16 -6.13
CA GLY B 56 16.50 -12.04 -5.41
C GLY B 56 15.04 -11.75 -5.73
N VAL B 57 14.69 -10.46 -5.81
CA VAL B 57 13.31 -10.08 -6.11
C VAL B 57 12.90 -10.57 -7.49
N LEU B 58 13.77 -10.35 -8.49
CA LEU B 58 13.48 -10.80 -9.84
C LEU B 58 13.41 -12.32 -9.91
N LYS B 59 14.26 -13.01 -9.14
CA LYS B 59 14.22 -14.46 -9.10
C LYS B 59 12.88 -14.97 -8.58
N VAL B 60 12.36 -14.34 -7.52
CA VAL B 60 11.07 -14.75 -6.97
C VAL B 60 9.94 -14.48 -7.97
N PHE B 61 9.95 -13.28 -8.59
CA PHE B 61 8.92 -12.95 -9.57
C PHE B 61 8.92 -13.94 -10.72
N LEU B 62 10.10 -14.25 -11.25
CA LEU B 62 10.22 -15.17 -12.37
C LEU B 62 9.79 -16.57 -11.97
N GLU B 63 10.15 -17.02 -10.75
CA GLU B 63 9.63 -18.31 -10.28
C GLU B 63 8.12 -18.36 -10.33
N ASN B 64 7.44 -17.35 -9.79
CA ASN B 64 5.98 -17.41 -9.76
C ASN B 64 5.40 -17.45 -11.17
N VAL B 65 5.84 -16.52 -12.03
CA VAL B 65 5.25 -16.45 -13.37
C VAL B 65 5.56 -17.71 -14.16
N ILE B 66 6.80 -18.20 -14.10
CA ILE B 66 7.21 -19.35 -14.89
C ILE B 66 6.51 -20.61 -14.39
N ARG B 67 6.32 -20.73 -13.08
CA ARG B 67 5.57 -21.87 -12.55
C ARG B 67 4.15 -21.89 -13.10
N ASP B 68 3.46 -20.75 -13.08
CA ASP B 68 2.11 -20.73 -13.64
C ASP B 68 2.10 -21.01 -15.14
N ALA B 69 3.05 -20.43 -15.89
CA ALA B 69 3.10 -20.65 -17.33
C ALA B 69 3.38 -22.11 -17.65
N VAL B 70 4.26 -22.76 -16.89
CA VAL B 70 4.54 -24.17 -17.11
C VAL B 70 3.32 -25.01 -16.77
N THR B 71 2.58 -24.63 -15.73
CA THR B 71 1.33 -25.35 -15.44
C THR B 71 0.36 -25.26 -16.61
N TYR B 72 0.22 -24.08 -17.20
CA TYR B 72 -0.61 -23.93 -18.39
C TYR B 72 -0.10 -24.81 -19.53
N THR B 73 1.23 -24.90 -19.67
CA THR B 73 1.81 -25.74 -20.72
C THR B 73 1.50 -27.21 -20.50
N GLU B 74 1.60 -27.69 -19.25
CA GLU B 74 1.24 -29.08 -18.95
C GLU B 74 -0.22 -29.37 -19.25
N HIS B 75 -1.11 -28.45 -18.87
CA HIS B 75 -2.52 -28.73 -19.10
C HIS B 75 -2.82 -28.92 -20.58
N ALA B 76 -2.14 -28.15 -21.44
CA ALA B 76 -2.29 -28.29 -22.88
C ALA B 76 -1.57 -29.50 -23.44
N LYS B 77 -0.86 -30.26 -22.61
CA LYS B 77 -0.09 -31.43 -23.02
C LYS B 77 1.02 -31.06 -24.01
N ARG B 78 1.50 -29.82 -23.93
CA ARG B 78 2.59 -29.35 -24.77
C ARG B 78 3.90 -29.42 -24.02
N LYS B 79 4.99 -29.32 -24.76
CA LYS B 79 6.32 -29.21 -24.19
C LYS B 79 6.96 -27.85 -24.49
N THR B 80 6.27 -26.97 -25.19
CA THR B 80 6.76 -25.64 -25.53
C THR B 80 5.95 -24.61 -24.77
N VAL B 81 6.63 -23.77 -23.99
CA VAL B 81 5.98 -22.63 -23.35
C VAL B 81 5.74 -21.58 -24.41
N THR B 82 4.48 -21.22 -24.61
CA THR B 82 4.10 -20.22 -25.60
C THR B 82 3.94 -18.85 -24.96
N ALA B 83 3.82 -17.83 -25.82
CA ALA B 83 3.58 -16.49 -25.32
C ALA B 83 2.22 -16.39 -24.63
N MET B 84 1.23 -17.15 -25.12
CA MET B 84 -0.09 -17.14 -24.49
C MET B 84 -0.04 -17.75 -23.10
N ASP B 85 0.78 -18.77 -22.89
CA ASP B 85 0.94 -19.33 -21.55
C ASP B 85 1.46 -18.28 -20.58
N VAL B 86 2.47 -17.52 -21.00
CA VAL B 86 3.01 -16.46 -20.16
C VAL B 86 1.96 -15.38 -19.92
N VAL B 87 1.20 -15.02 -20.96
CA VAL B 87 0.18 -13.98 -20.82
C VAL B 87 -0.89 -14.42 -19.83
N TYR B 88 -1.35 -15.67 -19.91
CA TYR B 88 -2.34 -16.18 -18.97
C TYR B 88 -1.77 -16.25 -17.56
N ALA B 89 -0.51 -16.66 -17.42
CA ALA B 89 0.12 -16.70 -16.10
C ALA B 89 0.20 -15.31 -15.49
N LEU B 90 0.56 -14.31 -16.29
CA LEU B 90 0.64 -12.95 -15.79
C LEU B 90 -0.75 -12.41 -15.43
N LYS B 91 -1.75 -12.70 -16.26
CA LYS B 91 -3.10 -12.25 -15.97
C LYS B 91 -3.63 -12.87 -14.67
N ARG B 92 -3.31 -14.14 -14.44
CA ARG B 92 -3.74 -14.80 -13.20
C ARG B 92 -3.19 -14.11 -11.97
N GLN B 93 -2.01 -13.50 -12.06
CA GLN B 93 -1.37 -12.85 -10.94
C GLN B 93 -1.71 -11.37 -10.84
N GLY B 94 -2.63 -10.87 -11.66
CA GLY B 94 -2.98 -9.47 -11.64
C GLY B 94 -1.98 -8.57 -12.33
N ARG B 95 -1.23 -9.10 -13.29
CA ARG B 95 -0.18 -8.38 -14.00
C ARG B 95 -0.40 -8.47 -15.49
N THR B 96 -1.61 -8.11 -15.93
CA THR B 96 -2.00 -8.21 -17.32
C THR B 96 -1.00 -7.49 -18.22
N LEU B 97 -0.59 -8.17 -19.29
CA LEU B 97 0.37 -7.65 -20.25
C LEU B 97 -0.30 -7.56 -21.62
N TYR B 98 -0.15 -6.42 -22.29
CA TYR B 98 -0.68 -6.22 -23.62
C TYR B 98 0.43 -6.34 -24.65
N GLY B 99 0.08 -6.86 -25.83
CA GLY B 99 0.98 -6.88 -26.96
C GLY B 99 1.57 -8.23 -27.34
N PHE B 100 1.07 -9.33 -26.80
CA PHE B 100 1.59 -10.65 -27.11
C PHE B 100 0.47 -11.63 -27.39
N GLY B 101 -0.57 -11.18 -28.07
CA GLY B 101 -1.72 -12.01 -28.36
C GLY B 101 -2.78 -12.00 -27.28
N GLY B 102 -2.47 -11.46 -26.11
CA GLY B 102 -3.41 -11.33 -25.02
C GLY B 102 -2.86 -10.33 -24.02
N ARG C 11 -34.75 -51.32 -10.37
CA ARG C 11 -33.91 -50.27 -9.79
C ARG C 11 -33.19 -50.77 -8.55
N ALA C 12 -32.45 -49.87 -7.91
CA ALA C 12 -31.70 -50.19 -6.71
C ALA C 12 -31.82 -49.03 -5.73
N LYS C 13 -31.53 -49.32 -4.46
CA LYS C 13 -31.58 -48.29 -3.43
C LYS C 13 -30.59 -47.17 -3.76
N ALA C 14 -31.12 -45.97 -3.97
CA ALA C 14 -30.30 -44.86 -4.41
C ALA C 14 -29.33 -44.43 -3.32
N LYS C 15 -28.06 -44.28 -3.69
CA LYS C 15 -27.04 -43.77 -2.77
C LYS C 15 -26.34 -42.61 -3.45
N THR C 16 -26.02 -41.58 -2.66
CA THR C 16 -25.47 -40.36 -3.19
C THR C 16 -24.06 -40.59 -3.75
N ARG C 17 -23.68 -39.72 -4.69
CA ARG C 17 -22.32 -39.77 -5.21
C ARG C 17 -21.29 -39.35 -4.17
N SER C 18 -21.70 -38.59 -3.15
CA SER C 18 -20.79 -38.27 -2.06
C SER C 18 -20.34 -39.51 -1.32
N SER C 19 -21.26 -40.43 -1.04
CA SER C 19 -20.91 -41.68 -0.38
C SER C 19 -20.06 -42.56 -1.29
N ARG C 20 -20.36 -42.54 -2.60
CA ARG C 20 -19.53 -43.28 -3.54
C ARG C 20 -18.09 -42.77 -3.54
N ALA C 21 -17.92 -41.44 -3.50
CA ALA C 21 -16.60 -40.85 -3.46
C ALA C 21 -16.01 -40.81 -2.05
N GLY C 22 -16.78 -41.21 -1.04
CA GLY C 22 -16.31 -41.13 0.33
C GLY C 22 -16.14 -39.71 0.83
N LEU C 23 -17.06 -38.81 0.48
CA LEU C 23 -16.98 -37.40 0.83
C LEU C 23 -18.19 -37.01 1.67
N GLN C 24 -18.05 -35.88 2.37
CA GLN C 24 -19.15 -35.28 3.09
C GLN C 24 -19.76 -34.10 2.37
N PHE C 25 -18.98 -33.40 1.55
CA PHE C 25 -19.53 -32.30 0.77
C PHE C 25 -20.40 -32.85 -0.36
N PRO C 26 -21.45 -32.11 -0.74
CA PRO C 26 -22.45 -32.66 -1.67
C PRO C 26 -21.95 -32.66 -3.11
N VAL C 27 -21.66 -33.87 -3.62
CA VAL C 27 -21.18 -33.98 -4.99
C VAL C 27 -22.26 -33.59 -5.99
N GLY C 28 -23.51 -34.04 -5.75
CA GLY C 28 -24.59 -33.70 -6.66
C GLY C 28 -24.87 -32.21 -6.71
N ARG C 29 -24.85 -31.55 -5.54
CA ARG C 29 -25.06 -30.11 -5.52
C ARG C 29 -23.92 -29.37 -6.21
N VAL C 30 -22.69 -29.84 -6.05
CA VAL C 30 -21.56 -29.23 -6.75
C VAL C 30 -21.71 -29.39 -8.26
N HIS C 31 -22.17 -30.56 -8.70
CA HIS C 31 -22.43 -30.78 -10.12
C HIS C 31 -23.49 -29.82 -10.64
N ARG C 32 -24.58 -29.66 -9.88
CA ARG C 32 -25.63 -28.75 -10.30
C ARG C 32 -25.14 -27.30 -10.34
N LEU C 33 -24.33 -26.91 -9.35
CA LEU C 33 -23.80 -25.55 -9.33
C LEU C 33 -22.81 -25.31 -10.47
N LEU C 34 -22.06 -26.33 -10.86
CA LEU C 34 -21.19 -26.22 -12.02
C LEU C 34 -22.00 -26.10 -13.31
N ARG C 35 -23.04 -26.93 -13.45
CA ARG C 35 -23.86 -26.91 -14.65
C ARG C 35 -24.59 -25.59 -14.81
N LYS C 36 -25.17 -25.07 -13.73
CA LYS C 36 -25.95 -23.84 -13.78
C LYS C 36 -25.11 -22.60 -13.50
N GLY C 37 -23.82 -22.75 -13.26
CA GLY C 37 -22.94 -21.63 -13.02
C GLY C 37 -22.34 -20.99 -14.25
N ASN C 38 -22.67 -21.50 -15.44
CA ASN C 38 -22.17 -20.96 -16.71
C ASN C 38 -20.64 -20.99 -16.76
N TYR C 39 -20.10 -22.19 -16.64
CA TYR C 39 -18.67 -22.42 -16.69
C TYR C 39 -18.22 -23.13 -17.95
N ALA C 40 -19.01 -24.09 -18.43
CA ALA C 40 -18.75 -24.75 -19.70
C ALA C 40 -20.06 -25.35 -20.19
N GLU C 41 -20.06 -25.75 -21.47
CA GLU C 41 -21.24 -26.39 -22.04
C GLU C 41 -21.52 -27.72 -21.35
N ARG C 42 -20.47 -28.50 -21.07
CA ARG C 42 -20.61 -29.80 -20.45
C ARG C 42 -19.73 -29.88 -19.21
N VAL C 43 -20.16 -30.71 -18.25
CA VAL C 43 -19.40 -30.97 -17.03
C VAL C 43 -19.15 -32.47 -16.94
N GLY C 44 -17.89 -32.84 -16.77
CA GLY C 44 -17.56 -34.24 -16.64
C GLY C 44 -18.01 -34.82 -15.32
N ALA C 45 -18.02 -36.16 -15.27
CA ALA C 45 -18.49 -36.84 -14.07
C ALA C 45 -17.52 -36.67 -12.90
N GLY C 46 -16.21 -36.72 -13.19
CA GLY C 46 -15.22 -36.63 -12.13
C GLY C 46 -14.95 -35.22 -11.63
N ALA C 47 -15.34 -34.20 -12.40
CA ALA C 47 -15.07 -32.83 -11.99
C ALA C 47 -15.78 -32.43 -10.70
N PRO C 48 -17.09 -32.65 -10.53
CA PRO C 48 -17.71 -32.33 -9.24
C PRO C 48 -17.13 -33.13 -8.08
N VAL C 49 -16.74 -34.38 -8.30
CA VAL C 49 -16.13 -35.18 -7.23
C VAL C 49 -14.82 -34.56 -6.80
N TYR C 50 -13.97 -34.21 -7.77
CA TYR C 50 -12.69 -33.60 -7.47
C TYR C 50 -12.87 -32.27 -6.74
N LEU C 51 -13.80 -31.43 -7.23
CA LEU C 51 -14.01 -30.13 -6.62
C LEU C 51 -14.55 -30.26 -5.19
N ALA C 52 -15.49 -31.19 -4.98
CA ALA C 52 -16.03 -31.39 -3.65
C ALA C 52 -14.97 -31.91 -2.69
N ALA C 53 -14.10 -32.81 -3.16
CA ALA C 53 -13.01 -33.28 -2.32
C ALA C 53 -12.06 -32.15 -1.94
N VAL C 54 -11.73 -31.28 -2.89
CA VAL C 54 -10.83 -30.16 -2.59
C VAL C 54 -11.48 -29.21 -1.59
N LEU C 55 -12.77 -28.90 -1.78
CA LEU C 55 -13.47 -28.02 -0.86
C LEU C 55 -13.53 -28.61 0.53
N GLU C 56 -13.81 -29.91 0.63
CA GLU C 56 -13.85 -30.57 1.93
C GLU C 56 -12.48 -30.55 2.60
N TYR C 57 -11.41 -30.77 1.83
CA TYR C 57 -10.07 -30.74 2.42
C TYR C 57 -9.72 -29.35 2.96
N LEU C 58 -10.01 -28.30 2.18
CA LEU C 58 -9.71 -26.95 2.66
C LEU C 58 -10.55 -26.60 3.89
N THR C 59 -11.83 -26.99 3.89
CA THR C 59 -12.68 -26.78 5.05
C THR C 59 -12.12 -27.49 6.27
N ALA C 60 -11.66 -28.74 6.09
CA ALA C 60 -11.11 -29.50 7.21
C ALA C 60 -9.84 -28.85 7.75
N GLU C 61 -8.96 -28.38 6.86
CA GLU C 61 -7.74 -27.73 7.32
C GLU C 61 -8.05 -26.49 8.16
N ILE C 62 -8.91 -25.61 7.63
CA ILE C 62 -9.23 -24.39 8.37
C ILE C 62 -9.95 -24.71 9.66
N LEU C 63 -10.86 -25.69 9.64
CA LEU C 63 -11.63 -26.00 10.84
C LEU C 63 -10.76 -26.63 11.92
N GLU C 64 -9.80 -27.46 11.55
CA GLU C 64 -8.91 -28.03 12.57
C GLU C 64 -7.99 -26.97 13.16
N LEU C 65 -7.48 -26.05 12.33
CA LEU C 65 -6.68 -24.96 12.88
C LEU C 65 -7.51 -24.06 13.79
N ALA C 66 -8.76 -23.78 13.40
CA ALA C 66 -9.63 -22.92 14.21
C ALA C 66 -10.03 -23.61 15.51
N GLY C 67 -10.23 -24.92 15.48
CA GLY C 67 -10.49 -25.65 16.70
C GLY C 67 -9.30 -25.64 17.64
N ASN C 68 -8.09 -25.76 17.09
CA ASN C 68 -6.90 -25.60 17.93
C ASN C 68 -6.84 -24.21 18.55
N ALA C 69 -7.14 -23.18 17.76
CA ALA C 69 -7.13 -21.82 18.28
C ALA C 69 -8.18 -21.63 19.38
N ALA C 70 -9.37 -22.21 19.20
CA ALA C 70 -10.40 -22.13 20.23
C ALA C 70 -9.98 -22.87 21.50
N ARG C 71 -9.36 -24.03 21.35
CA ARG C 71 -8.89 -24.77 22.52
C ARG C 71 -7.80 -23.99 23.25
N ASP C 72 -6.94 -23.28 22.52
CA ASP C 72 -5.92 -22.47 23.15
C ASP C 72 -6.53 -21.35 23.99
N ASN C 73 -7.76 -20.95 23.71
CA ASN C 73 -8.45 -19.90 24.44
C ASN C 73 -9.45 -20.44 25.45
N LYS C 74 -9.41 -21.74 25.74
CA LYS C 74 -10.34 -22.38 26.66
C LYS C 74 -11.79 -22.18 26.22
N LYS C 75 -12.02 -22.24 24.92
CA LYS C 75 -13.34 -22.08 24.34
C LYS C 75 -13.74 -23.37 23.63
N THR C 76 -15.01 -23.74 23.75
CA THR C 76 -15.54 -24.93 23.09
C THR C 76 -16.24 -24.62 21.78
N ARG C 77 -16.52 -23.35 21.49
CA ARG C 77 -17.23 -22.96 20.29
C ARG C 77 -16.33 -22.09 19.43
N ILE C 78 -16.23 -22.42 18.15
CA ILE C 78 -15.43 -21.63 17.22
C ILE C 78 -16.17 -20.35 16.89
N ILE C 79 -15.48 -19.22 16.99
CA ILE C 79 -16.05 -17.91 16.68
C ILE C 79 -15.19 -17.29 15.58
N PRO C 80 -15.61 -16.17 14.98
CA PRO C 80 -14.80 -15.58 13.88
C PRO C 80 -13.37 -15.27 14.29
N ARG C 81 -13.12 -14.95 15.56
CA ARG C 81 -11.76 -14.68 16.01
C ARG C 81 -10.87 -15.89 15.81
N HIS C 82 -11.38 -17.08 16.12
CA HIS C 82 -10.59 -18.31 15.96
C HIS C 82 -10.29 -18.59 14.49
N LEU C 83 -11.27 -18.37 13.61
CA LEU C 83 -11.02 -18.53 12.19
C LEU C 83 -9.96 -17.55 11.71
N GLN C 84 -10.04 -16.30 12.15
CA GLN C 84 -9.05 -15.30 11.74
C GLN C 84 -7.65 -15.67 12.24
N LEU C 85 -7.55 -16.12 13.50
CA LEU C 85 -6.26 -16.53 14.03
C LEU C 85 -5.69 -17.71 13.26
N ALA C 86 -6.54 -18.70 12.96
CA ALA C 86 -6.09 -19.86 12.21
C ALA C 86 -5.60 -19.47 10.82
N VAL C 87 -6.33 -18.58 10.15
CA VAL C 87 -5.95 -18.18 8.80
C VAL C 87 -4.65 -17.38 8.81
N ARG C 88 -4.56 -16.38 9.69
CA ARG C 88 -3.41 -15.47 9.66
C ARG C 88 -2.15 -16.10 10.23
N ASN C 89 -2.28 -17.10 11.11
CA ASN C 89 -1.09 -17.76 11.64
C ASN C 89 -0.59 -18.89 10.74
N ASP C 90 -1.33 -19.24 9.70
CA ASP C 90 -0.91 -20.26 8.74
C ASP C 90 -0.43 -19.58 7.47
N GLU C 91 0.80 -19.88 7.06
CA GLU C 91 1.42 -19.16 5.95
C GLU C 91 0.66 -19.37 4.65
N GLU C 92 0.39 -20.63 4.29
CA GLU C 92 -0.29 -20.92 3.03
C GLU C 92 -1.74 -20.45 3.04
N LEU C 93 -2.45 -20.66 4.15
CA LEU C 93 -3.81 -20.15 4.25
C LEU C 93 -3.85 -18.63 4.24
N ASN C 94 -2.86 -17.98 4.85
CA ASN C 94 -2.79 -16.52 4.79
C ASN C 94 -2.55 -16.05 3.36
N LYS C 95 -1.73 -16.79 2.59
CA LYS C 95 -1.57 -16.45 1.18
C LYS C 95 -2.87 -16.64 0.41
N LEU C 96 -3.60 -17.73 0.69
CA LEU C 96 -4.83 -17.99 -0.03
C LEU C 96 -5.89 -16.92 0.24
N LEU C 97 -5.97 -16.42 1.47
CA LEU C 97 -6.97 -15.45 1.88
C LEU C 97 -6.36 -14.08 2.12
N GLY C 98 -5.36 -13.71 1.31
CA GLY C 98 -4.66 -12.46 1.53
C GLY C 98 -5.53 -11.23 1.34
N ARG C 99 -6.44 -11.27 0.38
CA ARG C 99 -7.34 -10.16 0.09
C ARG C 99 -8.72 -10.37 0.69
N VAL C 100 -8.84 -11.19 1.73
CA VAL C 100 -10.12 -11.53 2.34
C VAL C 100 -10.19 -10.89 3.71
N THR C 101 -11.34 -10.28 4.01
CA THR C 101 -11.62 -9.73 5.34
C THR C 101 -12.62 -10.64 6.03
N ILE C 102 -12.26 -11.14 7.20
CA ILE C 102 -13.14 -11.98 8.02
C ILE C 102 -13.80 -11.07 9.04
N ALA C 103 -15.14 -11.00 8.98
CA ALA C 103 -15.88 -10.09 9.85
C ALA C 103 -15.78 -10.54 11.30
N GLN C 104 -15.58 -9.57 12.20
CA GLN C 104 -15.42 -9.80 13.63
C GLN C 104 -14.22 -10.70 13.92
N GLY C 105 -13.21 -10.66 13.06
CA GLY C 105 -12.04 -11.49 13.24
C GLY C 105 -10.90 -10.82 13.97
N GLY C 106 -10.86 -9.49 13.93
CA GLY C 106 -9.77 -8.77 14.57
C GLY C 106 -8.48 -8.86 13.78
N VAL C 107 -7.37 -8.63 14.48
CA VAL C 107 -6.05 -8.65 13.90
C VAL C 107 -5.13 -9.51 14.77
N LEU C 108 -4.00 -9.90 14.20
CA LEU C 108 -2.99 -10.59 14.98
C LEU C 108 -2.32 -9.63 15.95
N PRO C 109 -2.11 -10.03 17.20
CA PRO C 109 -1.31 -9.21 18.12
C PRO C 109 0.11 -9.06 17.59
N ASN C 110 0.47 -7.81 17.27
CA ASN C 110 1.77 -7.55 16.65
C ASN C 110 2.16 -6.10 16.96
N ILE C 111 3.24 -5.94 17.73
CA ILE C 111 3.77 -4.63 18.08
C ILE C 111 5.21 -4.54 17.58
N GLN C 112 5.50 -3.50 16.81
CA GLN C 112 6.86 -3.30 16.33
C GLN C 112 7.80 -3.04 17.50
N SER C 113 8.98 -3.67 17.45
CA SER C 113 9.91 -3.62 18.57
C SER C 113 10.44 -2.21 18.84
N VAL C 114 10.43 -1.34 17.84
CA VAL C 114 10.87 0.04 18.04
C VAL C 114 9.92 0.77 18.99
N LEU C 115 8.64 0.39 19.00
CA LEU C 115 7.66 1.03 19.87
C LEU C 115 7.70 0.51 21.30
N LEU C 116 8.36 -0.62 21.54
CA LEU C 116 8.44 -1.15 22.89
C LEU C 116 9.31 -0.26 23.77
N PRO C 117 9.07 -0.23 25.07
CA PRO C 117 9.85 0.66 25.95
C PRO C 117 11.32 0.27 25.98
N LYS C 118 12.16 1.28 26.15
CA LYS C 118 13.61 1.10 26.14
C LYS C 118 14.14 0.75 27.52
N THR D 29 -39.04 -19.25 1.47
CA THR D 29 -38.53 -20.34 0.64
C THR D 29 -37.27 -20.95 1.23
N ARG D 30 -36.65 -21.86 0.49
CA ARG D 30 -35.47 -22.57 0.93
C ARG D 30 -34.21 -21.86 0.44
N LYS D 31 -33.27 -21.60 1.33
CA LYS D 31 -31.97 -21.04 0.99
C LYS D 31 -30.90 -22.08 1.23
N GLU D 32 -30.09 -22.35 0.21
CA GLU D 32 -29.08 -23.41 0.26
C GLU D 32 -27.77 -22.86 0.79
N SER D 33 -27.11 -23.65 1.63
CA SER D 33 -25.81 -23.29 2.18
C SER D 33 -25.04 -24.57 2.48
N TYR D 34 -23.77 -24.39 2.78
CA TYR D 34 -22.87 -25.50 3.09
C TYR D 34 -22.78 -25.80 4.58
N ALA D 35 -23.69 -25.24 5.38
CA ALA D 35 -23.55 -25.30 6.84
C ALA D 35 -23.55 -26.73 7.37
N ILE D 36 -24.43 -27.58 6.86
CA ILE D 36 -24.50 -28.94 7.39
C ILE D 36 -23.26 -29.74 7.04
N TYR D 37 -22.72 -29.57 5.84
CA TYR D 37 -21.51 -30.29 5.44
C TYR D 37 -20.29 -29.79 6.20
N VAL D 38 -20.21 -28.47 6.40
CA VAL D 38 -19.15 -27.92 7.24
C VAL D 38 -19.27 -28.46 8.65
N TYR D 39 -20.49 -28.63 9.15
CA TYR D 39 -20.68 -29.19 10.49
C TYR D 39 -20.21 -30.64 10.57
N LYS D 40 -20.50 -31.45 9.54
CA LYS D 40 -20.00 -32.82 9.55
C LYS D 40 -18.48 -32.86 9.52
N VAL D 41 -17.86 -32.00 8.71
CA VAL D 41 -16.41 -31.94 8.67
C VAL D 41 -15.86 -31.53 10.04
N LEU D 42 -16.50 -30.55 10.69
CA LEU D 42 -16.07 -30.12 12.01
C LEU D 42 -16.18 -31.26 13.02
N LYS D 43 -17.28 -32.00 13.00
CA LYS D 43 -17.44 -33.11 13.91
C LYS D 43 -16.40 -34.20 13.68
N GLN D 44 -15.94 -34.38 12.44
CA GLN D 44 -14.83 -35.30 12.26
C GLN D 44 -13.51 -34.74 12.81
N VAL D 45 -13.17 -33.49 12.50
CA VAL D 45 -11.89 -32.97 12.95
C VAL D 45 -11.91 -32.69 14.45
N HIS D 46 -13.01 -32.14 14.96
CA HIS D 46 -13.12 -31.75 16.37
C HIS D 46 -14.48 -32.21 16.89
N PRO D 47 -14.57 -33.46 17.36
CA PRO D 47 -15.88 -34.01 17.74
C PRO D 47 -16.58 -33.26 18.86
N ASP D 48 -15.84 -32.60 19.76
CA ASP D 48 -16.45 -31.93 20.90
C ASP D 48 -16.38 -30.40 20.80
N THR D 49 -16.25 -29.86 19.59
CA THR D 49 -16.18 -28.42 19.38
C THR D 49 -17.37 -27.98 18.54
N GLY D 50 -18.05 -26.94 19.01
CA GLY D 50 -19.13 -26.33 18.24
C GLY D 50 -18.64 -25.16 17.40
N ILE D 51 -19.60 -24.50 16.77
CA ILE D 51 -19.31 -23.34 15.93
C ILE D 51 -20.46 -22.35 16.06
N SER D 52 -20.11 -21.07 16.08
CA SER D 52 -21.12 -20.02 16.17
C SER D 52 -21.73 -19.74 14.81
N SER D 53 -22.88 -19.07 14.82
CA SER D 53 -23.60 -18.78 13.58
C SER D 53 -22.78 -17.86 12.67
N LYS D 54 -22.10 -16.87 13.26
CA LYS D 54 -21.27 -15.97 12.46
C LYS D 54 -20.09 -16.71 11.86
N ALA D 55 -19.47 -17.61 12.62
CA ALA D 55 -18.37 -18.41 12.08
C ALA D 55 -18.85 -19.37 11.00
N MET D 56 -20.06 -19.92 11.16
CA MET D 56 -20.64 -20.76 10.11
C MET D 56 -20.89 -19.95 8.84
N SER D 57 -21.37 -18.71 8.99
CA SER D 57 -21.54 -17.83 7.83
C SER D 57 -20.22 -17.57 7.14
N ILE D 58 -19.16 -17.34 7.93
CA ILE D 58 -17.83 -17.13 7.34
C ILE D 58 -17.37 -18.37 6.59
N MET D 59 -17.60 -19.56 7.17
CA MET D 59 -17.22 -20.79 6.50
C MET D 59 -17.99 -20.97 5.19
N ASN D 60 -19.28 -20.64 5.19
CA ASN D 60 -20.06 -20.70 3.97
C ASN D 60 -19.51 -19.75 2.91
N SER D 61 -19.17 -18.53 3.31
CA SER D 61 -18.56 -17.58 2.39
C SER D 61 -17.25 -18.10 1.84
N PHE D 62 -16.42 -18.72 2.68
CA PHE D 62 -15.16 -19.26 2.23
C PHE D 62 -15.36 -20.39 1.22
N VAL D 63 -16.30 -21.30 1.49
CA VAL D 63 -16.54 -22.39 0.56
C VAL D 63 -17.02 -21.86 -0.77
N ASN D 64 -17.95 -20.89 -0.75
CA ASN D 64 -18.44 -20.31 -1.99
C ASN D 64 -17.32 -19.59 -2.76
N ASP D 65 -16.46 -18.86 -2.04
CA ASP D 65 -15.36 -18.15 -2.67
C ASP D 65 -14.39 -19.12 -3.35
N VAL D 66 -14.00 -20.18 -2.65
CA VAL D 66 -13.05 -21.13 -3.23
C VAL D 66 -13.69 -21.86 -4.41
N PHE D 67 -14.97 -22.23 -4.29
CA PHE D 67 -15.68 -22.83 -5.40
C PHE D 67 -15.66 -21.93 -6.62
N GLU D 68 -16.00 -20.65 -6.43
CA GLU D 68 -16.07 -19.73 -7.56
C GLU D 68 -14.69 -19.55 -8.19
N ARG D 69 -13.65 -19.41 -7.37
CA ARG D 69 -12.29 -19.26 -7.91
C ARG D 69 -11.90 -20.48 -8.73
N ILE D 70 -12.07 -21.68 -8.18
CA ILE D 70 -11.65 -22.89 -8.88
C ILE D 70 -12.46 -23.08 -10.16
N ALA D 71 -13.78 -22.88 -10.08
CA ALA D 71 -14.62 -23.10 -11.25
C ALA D 71 -14.32 -22.08 -12.34
N GLY D 72 -14.07 -20.83 -11.97
CA GLY D 72 -13.69 -19.83 -12.97
C GLY D 72 -12.37 -20.15 -13.63
N GLU D 73 -11.37 -20.59 -12.84
CA GLU D 73 -10.10 -20.97 -13.43
C GLU D 73 -10.25 -22.18 -14.36
N ALA D 74 -11.06 -23.16 -13.96
CA ALA D 74 -11.27 -24.33 -14.81
C ALA D 74 -12.00 -23.96 -16.09
N SER D 75 -12.97 -23.05 -16.00
CA SER D 75 -13.67 -22.58 -17.19
C SER D 75 -12.72 -21.86 -18.14
N ARG D 76 -11.86 -21.00 -17.60
CA ARG D 76 -10.87 -20.33 -18.45
C ARG D 76 -9.90 -21.34 -19.07
N LEU D 77 -9.51 -22.36 -18.31
CA LEU D 77 -8.63 -23.39 -18.85
C LEU D 77 -9.29 -24.14 -20.00
N ALA D 78 -10.57 -24.46 -19.86
CA ALA D 78 -11.29 -25.14 -20.94
C ALA D 78 -11.40 -24.24 -22.17
N HIS D 79 -11.67 -22.95 -21.96
CA HIS D 79 -11.78 -22.03 -23.09
C HIS D 79 -10.43 -21.87 -23.81
N TYR D 80 -9.33 -21.82 -23.04
CA TYR D 80 -8.01 -21.64 -23.64
C TYR D 80 -7.67 -22.78 -24.58
N ASN D 81 -8.03 -24.01 -24.19
CA ASN D 81 -7.66 -25.20 -24.92
C ASN D 81 -8.74 -25.65 -25.91
N LYS D 82 -9.71 -24.79 -26.19
CA LYS D 82 -10.77 -25.07 -27.17
C LYS D 82 -11.57 -26.31 -26.80
N ARG D 83 -11.89 -26.44 -25.51
CA ARG D 83 -12.67 -27.54 -24.99
C ARG D 83 -13.99 -27.01 -24.45
N SER D 84 -15.01 -27.86 -24.48
CA SER D 84 -16.33 -27.49 -23.99
C SER D 84 -16.70 -28.19 -22.69
N THR D 85 -15.82 -29.05 -22.15
CA THR D 85 -16.11 -29.83 -20.96
C THR D 85 -15.16 -29.43 -19.84
N ILE D 86 -15.70 -29.24 -18.65
CA ILE D 86 -14.90 -29.16 -17.44
C ILE D 86 -14.73 -30.58 -16.92
N THR D 87 -13.51 -31.08 -16.93
CA THR D 87 -13.19 -32.41 -16.42
C THR D 87 -12.37 -32.27 -15.15
N SER D 88 -12.08 -33.41 -14.52
CA SER D 88 -11.25 -33.40 -13.32
C SER D 88 -9.84 -32.92 -13.61
N ARG D 89 -9.38 -33.04 -14.86
CA ARG D 89 -8.07 -32.51 -15.22
C ARG D 89 -8.04 -30.98 -15.15
N GLU D 90 -9.10 -30.33 -15.64
CA GLU D 90 -9.21 -28.88 -15.52
C GLU D 90 -9.28 -28.46 -14.06
N ILE D 91 -10.03 -29.21 -13.24
CA ILE D 91 -10.12 -28.91 -11.82
C ILE D 91 -8.76 -29.04 -11.15
N GLN D 92 -8.02 -30.09 -11.49
CA GLN D 92 -6.70 -30.31 -10.90
C GLN D 92 -5.74 -29.19 -11.29
N THR D 93 -5.75 -28.79 -12.55
CA THR D 93 -4.87 -27.69 -12.98
C THR D 93 -5.27 -26.37 -12.32
N ALA D 94 -6.57 -26.13 -12.18
CA ALA D 94 -7.03 -24.93 -11.48
C ALA D 94 -6.59 -24.94 -10.02
N VAL D 95 -6.64 -26.10 -9.37
CA VAL D 95 -6.18 -26.22 -8.01
C VAL D 95 -4.69 -25.91 -7.92
N ARG D 96 -3.90 -26.46 -8.85
CA ARG D 96 -2.47 -26.19 -8.87
C ARG D 96 -2.18 -24.72 -9.10
N LEU D 97 -2.99 -24.04 -9.91
CA LEU D 97 -2.78 -22.63 -10.18
C LEU D 97 -3.19 -21.75 -9.00
N LEU D 98 -4.25 -22.12 -8.29
CA LEU D 98 -4.81 -21.24 -7.26
C LEU D 98 -4.31 -21.55 -5.86
N LEU D 99 -3.98 -22.78 -5.57
CA LEU D 99 -3.57 -22.97 -4.18
C LEU D 99 -2.06 -22.90 -4.04
N PRO D 100 -1.57 -22.33 -2.94
CA PRO D 100 -0.12 -22.34 -2.68
C PRO D 100 0.37 -23.76 -2.46
N GLY D 101 1.70 -23.91 -2.54
CA GLY D 101 2.36 -25.18 -2.74
C GLY D 101 1.90 -26.41 -1.99
N GLU D 102 2.05 -26.42 -0.66
CA GLU D 102 1.69 -27.62 0.09
C GLU D 102 0.18 -27.82 0.14
N LEU D 103 -0.58 -26.73 0.27
CA LEU D 103 -2.02 -26.83 0.16
C LEU D 103 -2.43 -27.41 -1.18
N ALA D 104 -1.78 -26.97 -2.26
CA ALA D 104 -2.09 -27.49 -3.58
C ALA D 104 -1.76 -28.98 -3.68
N LYS D 105 -0.62 -29.40 -3.15
CA LYS D 105 -0.25 -30.81 -3.22
C LYS D 105 -1.25 -31.68 -2.47
N HIS D 106 -1.60 -31.29 -1.26
CA HIS D 106 -2.53 -32.10 -0.47
C HIS D 106 -3.93 -32.09 -1.09
N ALA D 107 -4.36 -30.95 -1.62
CA ALA D 107 -5.67 -30.88 -2.28
C ALA D 107 -5.70 -31.77 -3.52
N VAL D 108 -4.61 -31.77 -4.29
CA VAL D 108 -4.54 -32.63 -5.47
C VAL D 108 -4.60 -34.09 -5.06
N SER D 109 -3.87 -34.45 -4.00
CA SER D 109 -3.93 -35.83 -3.51
C SER D 109 -5.34 -36.22 -3.09
N GLU D 110 -6.02 -35.34 -2.35
CA GLU D 110 -7.38 -35.64 -1.91
C GLU D 110 -8.33 -35.80 -3.08
N GLY D 111 -8.25 -34.88 -4.06
CA GLY D 111 -9.12 -34.97 -5.22
C GLY D 111 -8.88 -36.21 -6.04
N THR D 112 -7.62 -36.55 -6.27
CA THR D 112 -7.30 -37.77 -7.02
C THR D 112 -7.80 -39.00 -6.29
N LYS D 113 -7.62 -39.05 -4.96
CA LYS D 113 -8.11 -40.19 -4.19
C LYS D 113 -9.63 -40.31 -4.28
N ALA D 114 -10.34 -39.18 -4.17
CA ALA D 114 -11.79 -39.21 -4.24
C ALA D 114 -12.27 -39.66 -5.61
N VAL D 115 -11.64 -39.16 -6.69
CA VAL D 115 -12.06 -39.56 -8.02
C VAL D 115 -11.76 -41.03 -8.26
N THR D 116 -10.62 -41.52 -7.78
CA THR D 116 -10.30 -42.94 -7.91
C THR D 116 -11.31 -43.80 -7.19
N LYS D 117 -11.66 -43.42 -5.96
CA LYS D 117 -12.65 -44.20 -5.20
C LYS D 117 -14.02 -44.15 -5.86
N TYR D 118 -14.40 -42.99 -6.38
CA TYR D 118 -15.68 -42.85 -7.05
C TYR D 118 -15.75 -43.71 -8.30
N THR D 119 -14.67 -43.76 -9.07
CA THR D 119 -14.65 -44.60 -10.27
C THR D 119 -14.62 -46.07 -9.90
N SER D 120 -13.88 -46.44 -8.85
CA SER D 120 -13.82 -47.84 -8.45
C SER D 120 -15.14 -48.33 -7.88
N ALA D 121 -15.92 -47.42 -7.28
CA ALA D 121 -17.22 -47.78 -6.72
C ALA D 121 -18.37 -47.56 -7.69
N LYS D 122 -18.11 -47.04 -8.89
CA LYS D 122 -19.17 -46.78 -9.86
C LYS D 122 -18.61 -46.62 -11.27
N LYS E 27 14.01 39.60 44.99
CA LYS E 27 13.49 40.05 46.27
C LYS E 27 13.02 38.86 47.08
N SER E 28 12.30 39.13 48.17
CA SER E 28 11.77 38.05 48.99
C SER E 28 12.81 36.96 49.24
N ALA E 29 12.65 35.81 48.58
CA ALA E 29 13.60 34.71 48.77
C ALA E 29 13.55 33.76 47.59
N PRO E 30 14.67 33.12 47.17
CA PRO E 30 14.66 32.26 45.99
C PRO E 30 14.03 30.89 46.28
N ALA E 31 14.69 29.80 45.86
CA ALA E 31 14.17 28.45 46.10
C ALA E 31 12.70 28.37 45.68
N THR E 32 11.79 28.32 46.66
CA THR E 32 10.32 28.28 46.38
C THR E 32 9.91 26.89 45.87
N GLY E 33 8.79 26.35 46.38
CA GLY E 33 8.32 25.01 45.96
C GLY E 33 7.62 25.06 44.62
N GLY E 34 6.27 25.03 44.62
CA GLY E 34 5.52 25.08 43.38
C GLY E 34 5.60 23.77 42.65
N VAL E 35 6.60 22.96 42.98
CA VAL E 35 6.77 21.66 42.33
C VAL E 35 5.43 20.97 42.16
N LYS E 36 5.06 20.71 40.92
CA LYS E 36 3.80 20.02 40.67
C LYS E 36 3.92 18.57 41.08
N LYS E 37 3.75 18.32 42.38
CA LYS E 37 3.85 16.95 42.88
C LYS E 37 3.08 15.90 42.05
N PRO E 38 1.82 16.18 41.68
CA PRO E 38 1.04 15.16 40.97
C PRO E 38 1.85 14.44 39.89
N HIS E 39 1.96 13.12 39.99
CA HIS E 39 2.68 12.35 38.99
C HIS E 39 1.73 11.42 38.26
N ARG E 40 2.11 10.99 37.05
CA ARG E 40 1.18 10.17 36.24
C ARG E 40 1.95 9.12 35.42
N TYR E 41 1.25 8.37 34.58
CA TYR E 41 1.92 7.37 33.71
C TYR E 41 2.71 8.10 32.63
N ARG E 42 3.80 7.49 32.14
CA ARG E 42 4.64 8.16 31.17
C ARG E 42 3.98 8.12 29.79
N PRO E 43 4.26 9.11 28.94
CA PRO E 43 3.68 9.10 27.59
C PRO E 43 4.10 7.85 26.82
N GLY E 44 3.10 7.12 26.32
CA GLY E 44 3.31 5.93 25.55
C GLY E 44 3.02 4.64 26.29
N THR E 45 2.96 4.67 27.63
CA THR E 45 2.61 3.48 28.39
C THR E 45 1.14 3.13 28.20
N VAL E 46 0.26 4.12 28.37
CA VAL E 46 -1.16 3.90 28.14
C VAL E 46 -1.41 3.61 26.66
N ALA E 47 -0.61 4.21 25.77
CA ALA E 47 -0.75 3.91 24.34
C ALA E 47 -0.44 2.45 24.05
N LEU E 48 0.62 1.91 24.67
CA LEU E 48 0.95 0.50 24.48
C LEU E 48 -0.14 -0.40 25.08
N ARG E 49 -0.68 -0.01 26.24
CA ARG E 49 -1.76 -0.79 26.83
C ARG E 49 -2.98 -0.82 25.92
N GLU E 50 -3.33 0.33 25.34
CA GLU E 50 -4.45 0.36 24.40
C GLU E 50 -4.15 -0.43 23.14
N ILE E 51 -2.91 -0.43 22.66
CA ILE E 51 -2.56 -1.25 21.51
C ILE E 51 -2.82 -2.72 21.81
N ARG E 52 -2.35 -3.19 22.96
CA ARG E 52 -2.59 -4.59 23.33
C ARG E 52 -4.08 -4.87 23.49
N ARG E 53 -4.81 -3.96 24.15
CA ARG E 53 -6.23 -4.16 24.40
C ARG E 53 -7.02 -4.26 23.10
N TYR E 54 -6.76 -3.37 22.15
CA TYR E 54 -7.52 -3.35 20.92
C TYR E 54 -7.04 -4.36 19.89
N GLN E 55 -5.80 -4.82 19.99
CA GLN E 55 -5.37 -5.93 19.16
C GLN E 55 -5.82 -7.27 19.73
N LYS E 56 -6.26 -7.31 20.98
CA LYS E 56 -6.83 -8.52 21.55
C LYS E 56 -8.31 -8.69 21.24
N SER E 57 -9.03 -7.60 21.01
CA SER E 57 -10.48 -7.63 20.84
C SER E 57 -10.87 -7.60 19.36
N THR E 58 -12.17 -7.81 19.10
CA THR E 58 -12.68 -7.87 17.75
C THR E 58 -13.87 -6.95 17.48
N GLU E 59 -14.36 -6.24 18.49
CA GLU E 59 -15.56 -5.42 18.30
C GLU E 59 -15.27 -4.22 17.41
N LEU E 60 -16.34 -3.66 16.86
CA LEU E 60 -16.22 -2.47 16.03
C LEU E 60 -15.82 -1.26 16.87
N LEU E 61 -14.87 -0.48 16.36
CA LEU E 61 -14.29 0.63 17.11
C LEU E 61 -14.93 1.98 16.80
N ILE E 62 -15.78 2.06 15.79
CA ILE E 62 -16.54 3.26 15.47
C ILE E 62 -17.95 3.09 16.01
N ARG E 63 -18.51 4.17 16.55
CA ARG E 63 -19.88 4.13 17.04
C ARG E 63 -20.84 3.84 15.88
N LYS E 64 -21.85 3.02 16.15
CA LYS E 64 -22.69 2.50 15.09
C LYS E 64 -23.59 3.56 14.49
N LEU E 65 -24.25 4.35 15.33
CA LEU E 65 -25.20 5.35 14.82
C LEU E 65 -24.52 6.46 14.00
N PRO E 66 -23.42 7.07 14.44
CA PRO E 66 -22.75 8.04 13.55
C PRO E 66 -22.29 7.44 12.23
N PHE E 67 -21.82 6.19 12.25
CA PHE E 67 -21.41 5.56 11.00
C PHE E 67 -22.60 5.34 10.08
N GLN E 68 -23.73 4.92 10.64
CA GLN E 68 -24.94 4.75 9.84
C GLN E 68 -25.39 6.07 9.24
N ARG E 69 -25.33 7.15 10.02
CA ARG E 69 -25.70 8.46 9.49
C ARG E 69 -24.76 8.87 8.35
N LEU E 70 -23.46 8.63 8.52
CA LEU E 70 -22.52 8.95 7.46
C LEU E 70 -22.79 8.13 6.20
N VAL E 71 -23.10 6.85 6.37
CA VAL E 71 -23.39 6.00 5.21
C VAL E 71 -24.62 6.51 4.47
N ARG E 72 -25.68 6.85 5.21
CA ARG E 72 -26.89 7.35 4.57
C ARG E 72 -26.65 8.67 3.87
N GLU E 73 -25.87 9.56 4.50
CA GLU E 73 -25.58 10.85 3.88
C GLU E 73 -24.78 10.68 2.59
N ILE E 74 -23.80 9.76 2.59
CA ILE E 74 -23.05 9.50 1.37
C ILE E 74 -23.94 8.89 0.30
N ALA E 75 -24.84 7.98 0.70
CA ALA E 75 -25.69 7.30 -0.27
C ALA E 75 -26.73 8.24 -0.86
N GLN E 76 -27.14 9.28 -0.13
CA GLN E 76 -28.13 10.20 -0.66
C GLN E 76 -27.66 10.92 -1.92
N ASP E 77 -26.35 10.96 -2.17
CA ASP E 77 -25.81 11.58 -3.37
C ASP E 77 -25.97 10.72 -4.61
N PHE E 78 -26.21 9.42 -4.46
CA PHE E 78 -26.37 8.51 -5.59
C PHE E 78 -27.83 8.23 -5.90
N LYS E 79 -28.63 7.93 -4.89
CA LYS E 79 -30.06 7.72 -5.04
C LYS E 79 -30.79 8.41 -3.91
N THR E 80 -31.98 8.91 -4.21
CA THR E 80 -32.82 9.59 -3.23
C THR E 80 -33.74 8.58 -2.56
N ASP E 81 -33.93 8.74 -1.25
CA ASP E 81 -34.86 7.91 -0.47
C ASP E 81 -34.46 6.44 -0.50
N LEU E 82 -33.17 6.19 -0.30
CA LEU E 82 -32.68 4.82 -0.20
C LEU E 82 -32.98 4.24 1.18
N ARG E 83 -33.16 2.93 1.21
CA ARG E 83 -33.26 2.19 2.45
C ARG E 83 -32.08 1.23 2.57
N PHE E 84 -31.73 0.90 3.80
CA PHE E 84 -30.61 0.01 4.08
C PHE E 84 -31.08 -1.11 5.00
N GLN E 85 -30.72 -2.34 4.65
CA GLN E 85 -30.77 -3.41 5.61
C GLN E 85 -29.75 -3.15 6.71
N SER E 86 -30.08 -3.57 7.93
CA SER E 86 -29.16 -3.40 9.04
C SER E 86 -27.84 -4.12 8.78
N SER E 87 -27.93 -5.34 8.23
CA SER E 87 -26.73 -6.09 7.89
C SER E 87 -25.90 -5.43 6.80
N ALA E 88 -26.53 -4.66 5.91
CA ALA E 88 -25.77 -3.91 4.91
C ALA E 88 -24.88 -2.86 5.56
N VAL E 89 -25.42 -2.11 6.52
CA VAL E 89 -24.61 -1.13 7.24
C VAL E 89 -23.56 -1.84 8.08
N MET E 90 -23.89 -2.98 8.66
CA MET E 90 -22.90 -3.74 9.42
C MET E 90 -21.74 -4.19 8.53
N ALA E 91 -22.04 -4.67 7.32
CA ALA E 91 -20.99 -5.08 6.40
C ALA E 91 -20.14 -3.90 5.97
N LEU E 92 -20.79 -2.75 5.70
CA LEU E 92 -20.04 -1.55 5.37
C LEU E 92 -19.09 -1.15 6.49
N GLN E 93 -19.56 -1.22 7.74
CA GLN E 93 -18.71 -0.84 8.87
C GLN E 93 -17.57 -1.82 9.06
N GLU E 94 -17.84 -3.11 8.92
CA GLU E 94 -16.77 -4.10 9.05
C GLU E 94 -15.69 -3.86 7.99
N ALA E 95 -16.11 -3.67 6.74
CA ALA E 95 -15.14 -3.43 5.67
C ALA E 95 -14.37 -2.14 5.89
N SER E 96 -15.06 -1.06 6.30
CA SER E 96 -14.40 0.22 6.52
C SER E 96 -13.38 0.12 7.64
N GLU E 97 -13.73 -0.53 8.74
CA GLU E 97 -12.80 -0.62 9.86
C GLU E 97 -11.61 -1.52 9.51
N ALA E 98 -11.84 -2.61 8.79
CA ALA E 98 -10.72 -3.44 8.34
C ALA E 98 -9.79 -2.66 7.41
N TYR E 99 -10.37 -1.89 6.49
CA TYR E 99 -9.56 -1.09 5.57
C TYR E 99 -8.74 -0.06 6.33
N LEU E 100 -9.35 0.63 7.29
CA LEU E 100 -8.64 1.66 8.04
C LEU E 100 -7.55 1.07 8.92
N VAL E 101 -7.82 -0.09 9.54
CA VAL E 101 -6.80 -0.71 10.39
C VAL E 101 -5.61 -1.16 9.56
N ALA E 102 -5.86 -1.78 8.39
CA ALA E 102 -4.76 -2.17 7.52
C ALA E 102 -3.97 -0.96 7.03
N LEU E 103 -4.67 0.12 6.68
CA LEU E 103 -4.00 1.34 6.26
C LEU E 103 -3.15 1.91 7.39
N PHE E 104 -3.64 1.86 8.63
CA PHE E 104 -2.86 2.33 9.76
C PHE E 104 -1.63 1.46 10.00
N GLU E 105 -1.73 0.16 9.78
CA GLU E 105 -0.56 -0.70 9.87
C GLU E 105 0.50 -0.30 8.85
N ASP E 106 0.09 -0.09 7.60
CA ASP E 106 1.02 0.35 6.56
C ASP E 106 1.60 1.72 6.89
N THR E 107 0.76 2.63 7.39
CA THR E 107 1.20 3.96 7.77
C THR E 107 2.22 3.91 8.90
N ASN E 108 2.01 3.01 9.86
CA ASN E 108 2.97 2.84 10.95
C ASN E 108 4.31 2.33 10.42
N LEU E 109 4.26 1.40 9.47
CA LEU E 109 5.51 0.95 8.85
C LEU E 109 6.23 2.11 8.16
N CYS E 110 5.48 2.94 7.44
CA CYS E 110 6.09 4.10 6.78
C CYS E 110 6.69 5.07 7.79
N ALA E 111 5.99 5.32 8.90
CA ALA E 111 6.52 6.22 9.92
C ALA E 111 7.78 5.67 10.55
N ILE E 112 7.81 4.38 10.85
CA ILE E 112 9.01 3.76 11.42
C ILE E 112 10.16 3.81 10.42
N HIS E 113 9.85 3.66 9.13
CA HIS E 113 10.89 3.74 8.10
C HIS E 113 11.62 5.07 8.14
N ALA E 114 10.90 6.16 8.42
CA ALA E 114 11.50 7.48 8.56
C ALA E 114 12.07 7.73 9.94
N LYS E 115 12.33 6.68 10.71
CA LYS E 115 12.93 6.77 12.04
C LYS E 115 12.07 7.59 13.01
N ARG E 116 10.76 7.54 12.84
CA ARG E 116 9.82 8.19 13.73
C ARG E 116 8.96 7.14 14.43
N VAL E 117 8.23 7.58 15.45
CA VAL E 117 7.20 6.78 16.09
C VAL E 117 5.82 7.39 15.94
N THR E 118 5.73 8.59 15.38
CA THR E 118 4.47 9.31 15.22
C THR E 118 4.05 9.25 13.76
N ILE E 119 2.84 8.76 13.52
CA ILE E 119 2.31 8.74 12.16
C ILE E 119 1.83 10.13 11.79
N MET E 120 2.05 10.49 10.53
CA MET E 120 1.76 11.81 9.99
C MET E 120 1.00 11.63 8.69
N PRO E 121 0.33 12.68 8.21
CA PRO E 121 -0.42 12.55 6.95
C PRO E 121 0.43 12.12 5.77
N LYS E 122 1.71 12.51 5.73
CA LYS E 122 2.57 12.06 4.63
C LYS E 122 2.81 10.55 4.69
N ASP E 123 2.79 9.96 5.89
CA ASP E 123 2.86 8.50 5.99
C ASP E 123 1.66 7.84 5.32
N ILE E 124 0.46 8.36 5.59
CA ILE E 124 -0.75 7.83 4.96
C ILE E 124 -0.68 8.02 3.45
N GLN E 125 -0.23 9.19 3.01
CA GLN E 125 -0.14 9.47 1.59
C GLN E 125 0.82 8.51 0.89
N LEU E 126 1.98 8.26 1.51
CA LEU E 126 2.93 7.32 0.93
C LEU E 126 2.37 5.90 0.89
N ALA E 127 1.73 5.47 1.97
CA ALA E 127 1.15 4.12 1.99
C ALA E 127 0.09 3.96 0.90
N ARG E 128 -0.77 4.96 0.73
CA ARG E 128 -1.81 4.88 -0.29
C ARG E 128 -1.22 4.98 -1.70
N ARG E 129 -0.17 5.77 -1.89
CA ARG E 129 0.50 5.84 -3.18
C ARG E 129 1.11 4.48 -3.55
N ILE E 130 1.77 3.83 -2.59
CA ILE E 130 2.40 2.55 -2.89
C ILE E 130 1.33 1.47 -3.12
N ARG E 131 0.24 1.51 -2.35
CA ARG E 131 -0.83 0.54 -2.54
C ARG E 131 -1.49 0.66 -3.90
N GLY E 132 -1.37 1.81 -4.57
CA GLY E 132 -2.04 2.04 -5.82
C GLY E 132 -3.31 2.84 -5.73
N GLU E 133 -3.64 3.38 -4.56
CA GLU E 133 -4.83 4.19 -4.39
C GLU E 133 -4.60 5.61 -4.90
N VAL F 21 -29.18 10.16 8.39
CA VAL F 21 -28.70 10.72 7.13
C VAL F 21 -27.97 12.03 7.40
N LEU F 22 -28.73 13.13 7.46
CA LEU F 22 -28.24 14.42 7.93
C LEU F 22 -27.15 14.98 7.01
N ARG F 23 -26.51 16.06 7.45
CA ARG F 23 -25.38 16.66 6.75
C ARG F 23 -24.17 16.69 7.67
N ASP F 24 -22.98 16.67 7.07
CA ASP F 24 -21.71 16.79 7.79
C ASP F 24 -21.59 15.73 8.89
N ASN F 25 -21.82 14.48 8.51
CA ASN F 25 -21.74 13.37 9.45
C ASN F 25 -20.34 12.77 9.52
N ILE F 26 -19.39 13.26 8.72
CA ILE F 26 -18.02 12.78 8.79
C ILE F 26 -17.40 13.13 10.14
N GLN F 27 -17.87 14.20 10.77
CA GLN F 27 -17.41 14.53 12.12
C GLN F 27 -17.88 13.52 13.15
N GLY F 28 -18.90 12.72 12.81
CA GLY F 28 -19.31 11.64 13.69
C GLY F 28 -18.24 10.59 13.90
N ILE F 29 -17.30 10.48 12.97
CA ILE F 29 -16.12 9.64 13.15
C ILE F 29 -15.16 10.42 14.03
N THR F 30 -15.28 10.23 15.34
CA THR F 30 -14.61 11.10 16.29
C THR F 30 -13.11 10.78 16.37
N LYS F 31 -12.37 11.71 16.98
CA LYS F 31 -10.96 11.48 17.24
C LYS F 31 -10.70 10.24 18.10
N PRO F 32 -11.45 9.97 19.18
CA PRO F 32 -11.23 8.71 19.90
C PRO F 32 -11.44 7.46 19.06
N ALA F 33 -12.41 7.46 18.15
CA ALA F 33 -12.62 6.29 17.30
C ALA F 33 -11.45 6.07 16.36
N ILE F 34 -10.94 7.15 15.75
CA ILE F 34 -9.76 7.04 14.90
C ILE F 34 -8.56 6.58 15.72
N ARG F 35 -8.45 7.05 16.95
CA ARG F 35 -7.37 6.61 17.82
C ARG F 35 -7.47 5.12 18.12
N ARG F 36 -8.69 4.62 18.35
CA ARG F 36 -8.85 3.19 18.58
C ARG F 36 -8.48 2.38 17.34
N LEU F 37 -8.89 2.86 16.16
CA LEU F 37 -8.51 2.18 14.92
C LEU F 37 -6.99 2.15 14.75
N ALA F 38 -6.32 3.27 15.07
CA ALA F 38 -4.87 3.31 14.98
C ALA F 38 -4.22 2.37 16.00
N ARG F 39 -4.80 2.26 17.19
CA ARG F 39 -4.29 1.33 18.19
C ARG F 39 -4.40 -0.11 17.71
N ARG F 40 -5.53 -0.46 17.09
CA ARG F 40 -5.65 -1.80 16.52
C ARG F 40 -4.63 -2.04 15.42
N GLY F 41 -4.24 -0.98 14.71
CA GLY F 41 -3.18 -1.06 13.73
C GLY F 41 -1.79 -0.99 14.30
N GLY F 42 -1.66 -0.93 15.63
CA GLY F 42 -0.36 -0.92 16.26
C GLY F 42 0.34 0.41 16.27
N VAL F 43 -0.40 1.51 16.23
CA VAL F 43 0.19 2.85 16.18
C VAL F 43 0.33 3.38 17.60
N LYS F 44 1.53 3.82 17.95
CA LYS F 44 1.83 4.31 19.29
C LYS F 44 1.58 5.81 19.44
N ARG F 45 1.94 6.61 18.45
CA ARG F 45 1.83 8.06 18.53
C ARG F 45 1.17 8.59 17.27
N ILE F 46 0.22 9.51 17.45
CA ILE F 46 -0.60 10.01 16.37
C ILE F 46 -0.49 11.53 16.33
N SER F 47 -0.14 12.07 15.17
CA SER F 47 -0.11 13.52 15.00
C SER F 47 -1.52 14.06 14.88
N GLY F 48 -1.69 15.33 15.27
CA GLY F 48 -3.01 15.93 15.29
C GLY F 48 -3.66 16.09 13.94
N LEU F 49 -2.86 16.15 12.88
CA LEU F 49 -3.39 16.30 11.53
C LEU F 49 -3.88 14.99 10.93
N ILE F 50 -3.65 13.86 11.61
CA ILE F 50 -4.05 12.56 11.07
C ILE F 50 -5.56 12.48 10.94
N TYR F 51 -6.29 12.90 11.98
CA TYR F 51 -7.72 12.62 12.06
C TYR F 51 -8.47 13.15 10.84
N GLU F 52 -8.28 14.43 10.53
CA GLU F 52 -8.89 15.00 9.33
C GLU F 52 -8.52 14.18 8.10
N GLU F 53 -7.23 13.93 7.91
CA GLU F 53 -6.79 13.11 6.79
C GLU F 53 -7.53 11.77 6.79
N THR F 54 -7.58 11.11 7.95
CA THR F 54 -8.25 9.83 8.03
C THR F 54 -9.69 9.94 7.56
N ARG F 55 -10.39 10.98 8.02
CA ARG F 55 -11.77 11.18 7.60
C ARG F 55 -11.87 11.22 6.09
N GLY F 56 -11.02 12.02 5.45
CA GLY F 56 -11.07 12.11 4.00
C GLY F 56 -10.89 10.74 3.37
N VAL F 57 -9.90 9.99 3.83
CA VAL F 57 -9.67 8.66 3.29
C VAL F 57 -10.93 7.82 3.42
N LEU F 58 -11.51 7.80 4.63
CA LEU F 58 -12.70 6.99 4.85
C LEU F 58 -13.78 7.39 3.86
N LYS F 59 -14.01 8.70 3.71
CA LYS F 59 -15.06 9.13 2.81
C LYS F 59 -14.84 8.56 1.41
N VAL F 60 -13.61 8.69 0.90
CA VAL F 60 -13.32 8.18 -0.43
C VAL F 60 -13.67 6.70 -0.50
N PHE F 61 -13.19 5.93 0.49
CA PHE F 61 -13.47 4.50 0.50
C PHE F 61 -14.97 4.26 0.45
N LEU F 62 -15.73 4.93 1.32
CA LEU F 62 -17.16 4.69 1.35
C LEU F 62 -17.79 5.10 0.03
N GLU F 63 -17.34 6.24 -0.53
CA GLU F 63 -17.92 6.71 -1.79
C GLU F 63 -17.70 5.69 -2.89
N ASN F 64 -16.60 4.94 -2.83
CA ASN F 64 -16.35 3.94 -3.86
C ASN F 64 -17.21 2.71 -3.66
N VAL F 65 -17.48 2.33 -2.41
CA VAL F 65 -18.22 1.10 -2.16
C VAL F 65 -19.71 1.34 -2.34
N ILE F 66 -20.25 2.36 -1.67
CA ILE F 66 -21.68 2.62 -1.73
C ILE F 66 -22.13 2.86 -3.16
N ARG F 67 -21.37 3.66 -3.92
CA ARG F 67 -21.71 3.90 -5.32
C ARG F 67 -21.88 2.59 -6.08
N ASP F 68 -20.99 1.63 -5.84
CA ASP F 68 -21.15 0.34 -6.50
C ASP F 68 -22.36 -0.40 -5.97
N ALA F 69 -22.54 -0.42 -4.64
CA ALA F 69 -23.65 -1.15 -4.05
C ALA F 69 -24.98 -0.64 -4.56
N VAL F 70 -25.16 0.69 -4.55
CA VAL F 70 -26.37 1.28 -5.09
C VAL F 70 -26.56 0.88 -6.54
N THR F 71 -25.47 0.84 -7.32
CA THR F 71 -25.58 0.39 -8.70
C THR F 71 -26.18 -1.00 -8.76
N TYR F 72 -25.66 -1.93 -7.96
CA TYR F 72 -26.27 -3.25 -7.87
C TYR F 72 -27.74 -3.14 -7.49
N THR F 73 -28.03 -2.33 -6.46
CA THR F 73 -29.40 -2.13 -6.04
C THR F 73 -30.24 -1.55 -7.17
N GLU F 74 -29.65 -0.67 -7.98
CA GLU F 74 -30.39 -0.09 -9.09
C GLU F 74 -30.67 -1.13 -10.16
N HIS F 75 -29.76 -2.09 -10.35
CA HIS F 75 -29.97 -3.10 -11.38
C HIS F 75 -31.08 -4.06 -11.01
N ALA F 76 -31.18 -4.41 -9.73
CA ALA F 76 -32.23 -5.29 -9.25
C ALA F 76 -33.58 -4.60 -9.14
N LYS F 77 -33.66 -3.31 -9.49
CA LYS F 77 -34.89 -2.52 -9.38
C LYS F 77 -35.42 -2.51 -7.95
N ARG F 78 -34.50 -2.42 -7.00
CA ARG F 78 -34.84 -2.35 -5.58
C ARG F 78 -34.60 -0.94 -5.07
N LYS F 79 -35.20 -0.64 -3.93
CA LYS F 79 -34.96 0.61 -3.23
C LYS F 79 -34.18 0.42 -1.94
N THR F 80 -33.87 -0.83 -1.58
CA THR F 80 -33.20 -1.16 -0.34
C THR F 80 -31.83 -1.74 -0.66
N VAL F 81 -30.78 -1.13 -0.11
CA VAL F 81 -29.44 -1.68 -0.22
C VAL F 81 -29.32 -2.87 0.73
N THR F 82 -29.03 -4.03 0.19
CA THR F 82 -28.92 -5.25 0.98
C THR F 82 -27.45 -5.54 1.29
N ALA F 83 -27.25 -6.47 2.22
CA ALA F 83 -25.89 -6.90 2.55
C ALA F 83 -25.21 -7.53 1.36
N MET F 84 -25.97 -8.24 0.52
CA MET F 84 -25.38 -8.87 -0.66
C MET F 84 -24.88 -7.83 -1.66
N ASP F 85 -25.60 -6.71 -1.78
CA ASP F 85 -25.14 -5.64 -2.66
C ASP F 85 -23.79 -5.10 -2.19
N VAL F 86 -23.63 -4.90 -0.89
CA VAL F 86 -22.37 -4.42 -0.33
C VAL F 86 -21.28 -5.47 -0.53
N VAL F 87 -21.61 -6.75 -0.33
CA VAL F 87 -20.62 -7.81 -0.51
C VAL F 87 -20.15 -7.87 -1.96
N TYR F 88 -21.07 -7.77 -2.91
CA TYR F 88 -20.69 -7.77 -4.33
C TYR F 88 -19.87 -6.55 -4.68
N ALA F 89 -20.23 -5.39 -4.13
CA ALA F 89 -19.46 -4.17 -4.38
C ALA F 89 -18.04 -4.31 -3.84
N LEU F 90 -17.90 -4.91 -2.65
CA LEU F 90 -16.57 -5.09 -2.07
C LEU F 90 -15.75 -6.10 -2.87
N LYS F 91 -16.39 -7.18 -3.32
CA LYS F 91 -15.70 -8.15 -4.16
C LYS F 91 -15.25 -7.53 -5.47
N ARG F 92 -16.08 -6.65 -6.03
CA ARG F 92 -15.73 -5.95 -7.26
C ARG F 92 -14.46 -5.12 -7.09
N GLN F 93 -14.21 -4.63 -5.89
CA GLN F 93 -13.04 -3.79 -5.60
C GLN F 93 -11.87 -4.58 -5.05
N GLY F 94 -11.92 -5.91 -5.10
CA GLY F 94 -10.82 -6.71 -4.60
C GLY F 94 -10.73 -6.79 -3.10
N ARG F 95 -11.85 -6.57 -2.39
CA ARG F 95 -11.89 -6.52 -0.94
C ARG F 95 -12.98 -7.45 -0.42
N THR F 96 -12.95 -8.70 -0.87
CA THR F 96 -13.98 -9.67 -0.52
C THR F 96 -14.12 -9.81 0.98
N LEU F 97 -15.36 -9.84 1.44
CA LEU F 97 -15.71 -9.88 2.86
C LEU F 97 -16.50 -11.14 3.17
N TYR F 98 -16.07 -11.88 4.18
CA TYR F 98 -16.75 -13.08 4.64
C TYR F 98 -17.66 -12.76 5.82
N GLY F 99 -18.77 -13.49 5.91
CA GLY F 99 -19.63 -13.41 7.07
C GLY F 99 -20.95 -12.70 6.88
N PHE F 100 -21.32 -12.34 5.66
CA PHE F 100 -22.59 -11.67 5.40
C PHE F 100 -23.34 -12.31 4.23
N GLY F 101 -22.98 -13.52 3.84
CA GLY F 101 -23.62 -14.19 2.74
C GLY F 101 -22.74 -14.26 1.50
N ARG G 11 -34.92 -14.00 -50.32
CA ARG G 11 -34.34 -13.18 -49.26
C ARG G 11 -34.11 -11.75 -49.73
N ALA G 12 -34.09 -10.82 -48.77
CA ALA G 12 -33.65 -9.47 -49.05
C ALA G 12 -32.13 -9.40 -48.96
N LYS G 13 -31.57 -8.25 -49.36
CA LYS G 13 -30.13 -8.05 -49.24
C LYS G 13 -29.71 -8.13 -47.78
N ALA G 14 -28.63 -8.87 -47.52
CA ALA G 14 -28.17 -9.09 -46.16
C ALA G 14 -27.46 -7.85 -45.65
N LYS G 15 -27.99 -7.26 -44.59
CA LYS G 15 -27.39 -6.10 -43.93
C LYS G 15 -26.76 -6.56 -42.63
N THR G 16 -25.49 -6.21 -42.42
CA THR G 16 -24.83 -6.53 -41.17
C THR G 16 -25.46 -5.75 -40.03
N ARG G 17 -25.49 -6.36 -38.85
CA ARG G 17 -26.06 -5.70 -37.69
C ARG G 17 -25.24 -4.49 -37.27
N SER G 18 -23.93 -4.48 -37.56
CA SER G 18 -23.11 -3.32 -37.27
C SER G 18 -23.55 -2.11 -38.08
N SER G 19 -23.84 -2.30 -39.36
CA SER G 19 -24.33 -1.19 -40.17
C SER G 19 -25.73 -0.77 -39.71
N ARG G 20 -26.54 -1.73 -39.28
CA ARG G 20 -27.86 -1.40 -38.74
C ARG G 20 -27.74 -0.52 -37.49
N ALA G 21 -26.78 -0.83 -36.63
CA ALA G 21 -26.55 -0.07 -35.41
C ALA G 21 -25.63 1.12 -35.63
N GLY G 22 -25.13 1.33 -36.84
CA GLY G 22 -24.22 2.42 -37.11
C GLY G 22 -22.88 2.28 -36.42
N LEU G 23 -22.28 1.08 -36.46
CA LEU G 23 -21.06 0.79 -35.73
C LEU G 23 -20.02 0.22 -36.69
N GLN G 24 -18.75 0.46 -36.36
CA GLN G 24 -17.64 -0.16 -37.09
C GLN G 24 -17.24 -1.52 -36.51
N PHE G 25 -17.45 -1.72 -35.21
CA PHE G 25 -17.10 -2.98 -34.58
C PHE G 25 -18.14 -4.05 -34.92
N PRO G 26 -17.74 -5.33 -34.97
CA PRO G 26 -18.64 -6.39 -35.46
C PRO G 26 -19.65 -6.82 -34.41
N VAL G 27 -20.92 -6.54 -34.66
CA VAL G 27 -21.97 -6.94 -33.73
C VAL G 27 -22.14 -8.46 -33.75
N GLY G 28 -22.12 -9.06 -34.94
CA GLY G 28 -22.31 -10.51 -35.03
C GLY G 28 -21.20 -11.29 -34.34
N ARG G 29 -19.94 -10.86 -34.52
CA ARG G 29 -18.85 -11.54 -33.85
C ARG G 29 -18.93 -11.39 -32.34
N VAL G 30 -19.31 -10.20 -31.85
CA VAL G 30 -19.48 -10.00 -30.41
C VAL G 30 -20.60 -10.89 -29.88
N HIS G 31 -21.69 -11.00 -30.63
CA HIS G 31 -22.79 -11.89 -30.23
C HIS G 31 -22.31 -13.34 -30.14
N ARG G 32 -21.56 -13.80 -31.14
CA ARG G 32 -21.06 -15.16 -31.11
C ARG G 32 -20.10 -15.38 -29.95
N LEU G 33 -19.23 -14.41 -29.68
CA LEU G 33 -18.29 -14.54 -28.58
C LEU G 33 -19.00 -14.56 -27.24
N LEU G 34 -20.07 -13.77 -27.10
CA LEU G 34 -20.87 -13.83 -25.88
C LEU G 34 -21.55 -15.19 -25.75
N ARG G 35 -22.07 -15.72 -26.85
CA ARG G 35 -22.76 -17.01 -26.81
C ARG G 35 -21.81 -18.15 -26.44
N LYS G 36 -20.61 -18.15 -27.01
CA LYS G 36 -19.66 -19.23 -26.78
C LYS G 36 -18.70 -18.96 -25.64
N GLY G 37 -18.78 -17.79 -25.01
CA GLY G 37 -17.90 -17.47 -23.91
C GLY G 37 -18.33 -17.99 -22.57
N ASN G 38 -19.47 -18.68 -22.49
CA ASN G 38 -20.01 -19.23 -21.25
C ASN G 38 -20.28 -18.12 -20.24
N TYR G 39 -21.08 -17.15 -20.66
CA TYR G 39 -21.49 -16.05 -19.79
C TYR G 39 -22.92 -16.21 -19.30
N ALA G 40 -23.83 -16.58 -20.20
CA ALA G 40 -25.20 -16.92 -19.84
C ALA G 40 -25.73 -17.86 -20.91
N GLU G 41 -26.81 -18.57 -20.58
CA GLU G 41 -27.38 -19.49 -21.54
C GLU G 41 -28.13 -18.77 -22.66
N ARG G 42 -28.51 -17.52 -22.45
CA ARG G 42 -29.16 -16.72 -23.47
C ARG G 42 -28.52 -15.35 -23.54
N VAL G 43 -28.52 -14.77 -24.74
CA VAL G 43 -28.00 -13.43 -24.97
C VAL G 43 -29.08 -12.62 -25.68
N GLY G 44 -29.41 -11.45 -25.12
CA GLY G 44 -30.41 -10.60 -25.74
C GLY G 44 -29.93 -10.01 -27.05
N ALA G 45 -30.88 -9.52 -27.82
CA ALA G 45 -30.56 -8.96 -29.14
C ALA G 45 -29.73 -7.69 -29.01
N GLY G 46 -30.04 -6.83 -28.04
CA GLY G 46 -29.35 -5.58 -27.88
C GLY G 46 -28.07 -5.62 -27.09
N ALA G 47 -27.80 -6.72 -26.39
CA ALA G 47 -26.57 -6.82 -25.60
C ALA G 47 -25.31 -6.76 -26.47
N PRO G 48 -25.17 -7.54 -27.55
CA PRO G 48 -23.97 -7.37 -28.39
C PRO G 48 -23.87 -6.00 -29.03
N VAL G 49 -24.99 -5.37 -29.37
CA VAL G 49 -24.96 -4.04 -29.94
C VAL G 49 -24.39 -3.04 -28.93
N TYR G 50 -24.90 -3.08 -27.70
CA TYR G 50 -24.41 -2.21 -26.64
C TYR G 50 -22.93 -2.45 -26.38
N LEU G 51 -22.52 -3.71 -26.29
CA LEU G 51 -21.13 -4.02 -25.99
C LEU G 51 -20.20 -3.59 -27.12
N ALA G 52 -20.60 -3.82 -28.36
CA ALA G 52 -19.79 -3.40 -29.50
C ALA G 52 -19.66 -1.88 -29.55
N ALA G 53 -20.76 -1.17 -29.25
CA ALA G 53 -20.69 0.29 -29.21
C ALA G 53 -19.73 0.77 -28.13
N VAL G 54 -19.77 0.15 -26.95
CA VAL G 54 -18.87 0.56 -25.88
C VAL G 54 -17.42 0.29 -26.24
N LEU G 55 -17.15 -0.88 -26.83
CA LEU G 55 -15.79 -1.21 -27.24
C LEU G 55 -15.29 -0.24 -28.30
N GLU G 56 -16.15 0.10 -29.27
CA GLU G 56 -15.77 1.07 -30.29
C GLU G 56 -15.48 2.44 -29.69
N TYR G 57 -16.30 2.87 -28.72
CA TYR G 57 -16.06 4.16 -28.09
C TYR G 57 -14.73 4.19 -27.35
N LEU G 58 -14.43 3.14 -26.59
CA LEU G 58 -13.16 3.12 -25.85
C LEU G 58 -11.97 3.07 -26.80
N THR G 59 -12.08 2.28 -27.86
CA THR G 59 -11.02 2.24 -28.87
C THR G 59 -10.82 3.60 -29.50
N ALA G 60 -11.91 4.30 -29.81
CA ALA G 60 -11.80 5.62 -30.41
C ALA G 60 -11.12 6.62 -29.47
N GLU G 61 -11.48 6.58 -28.18
CA GLU G 61 -10.84 7.47 -27.22
C GLU G 61 -9.33 7.22 -27.17
N ILE G 62 -8.93 5.96 -27.01
CA ILE G 62 -7.50 5.65 -26.91
C ILE G 62 -6.79 6.03 -28.20
N LEU G 63 -7.38 5.72 -29.36
CA LEU G 63 -6.72 5.99 -30.62
C LEU G 63 -6.59 7.48 -30.88
N GLU G 64 -7.59 8.27 -30.50
CA GLU G 64 -7.48 9.72 -30.65
C GLU G 64 -6.36 10.27 -29.78
N LEU G 65 -6.29 9.85 -28.52
CA LEU G 65 -5.23 10.34 -27.65
C LEU G 65 -3.85 9.90 -28.15
N ALA G 66 -3.74 8.66 -28.62
CA ALA G 66 -2.46 8.16 -29.12
C ALA G 66 -2.06 8.84 -30.41
N GLY G 67 -3.02 9.15 -31.27
CA GLY G 67 -2.71 9.90 -32.48
C GLY G 67 -2.24 11.31 -32.18
N ASN G 68 -2.84 11.95 -31.19
CA ASN G 68 -2.32 13.24 -30.74
C ASN G 68 -0.90 13.12 -30.21
N ALA G 69 -0.63 12.07 -29.43
CA ALA G 69 0.73 11.87 -28.92
C ALA G 69 1.72 11.63 -30.04
N ALA G 70 1.33 10.84 -31.04
CA ALA G 70 2.21 10.59 -32.18
C ALA G 70 2.47 11.85 -32.98
N ARG G 71 1.43 12.68 -33.16
CA ARG G 71 1.59 13.95 -33.85
C ARG G 71 2.51 14.88 -33.08
N ASP G 72 2.48 14.82 -31.74
CA ASP G 72 3.38 15.65 -30.95
C ASP G 72 4.85 15.29 -31.20
N ASN G 73 5.14 13.99 -31.32
CA ASN G 73 6.50 13.51 -31.55
C ASN G 73 6.87 13.47 -33.03
N LYS G 74 6.11 14.17 -33.88
CA LYS G 74 6.40 14.25 -35.31
C LYS G 74 6.45 12.87 -35.97
N LYS G 75 5.51 12.01 -35.59
CA LYS G 75 5.39 10.67 -36.16
C LYS G 75 4.04 10.53 -36.83
N THR G 76 4.02 9.79 -37.94
CA THR G 76 2.78 9.49 -38.65
C THR G 76 2.19 8.15 -38.28
N ARG G 77 2.92 7.33 -37.52
CA ARG G 77 2.51 5.98 -37.19
C ARG G 77 2.47 5.82 -35.68
N ILE G 78 1.37 5.28 -35.18
CA ILE G 78 1.22 5.05 -33.74
C ILE G 78 2.03 3.81 -33.36
N ILE G 79 2.85 3.96 -32.32
CA ILE G 79 3.67 2.86 -31.81
C ILE G 79 3.28 2.63 -30.35
N PRO G 80 3.75 1.57 -29.69
CA PRO G 80 3.36 1.34 -28.30
C PRO G 80 3.64 2.50 -27.36
N ARG G 81 4.70 3.27 -27.62
CA ARG G 81 5.02 4.41 -26.78
C ARG G 81 3.89 5.44 -26.77
N HIS G 82 3.30 5.70 -27.93
CA HIS G 82 2.21 6.67 -28.01
C HIS G 82 0.98 6.18 -27.26
N LEU G 83 0.67 4.89 -27.37
CA LEU G 83 -0.43 4.33 -26.59
C LEU G 83 -0.17 4.46 -25.10
N GLN G 84 1.07 4.20 -24.66
CA GLN G 84 1.39 4.31 -23.25
C GLN G 84 1.27 5.76 -22.77
N LEU G 85 1.77 6.72 -23.56
CA LEU G 85 1.64 8.12 -23.18
C LEU G 85 0.18 8.54 -23.11
N ALA G 86 -0.62 8.12 -24.09
CA ALA G 86 -2.04 8.45 -24.10
C ALA G 86 -2.75 7.88 -22.89
N VAL G 87 -2.48 6.63 -22.54
CA VAL G 87 -3.17 5.99 -21.43
C VAL G 87 -2.76 6.62 -20.10
N ARG G 88 -1.46 6.78 -19.89
CA ARG G 88 -0.99 7.24 -18.59
C ARG G 88 -1.21 8.74 -18.38
N ASN G 89 -1.29 9.52 -19.44
CA ASN G 89 -1.57 10.95 -19.28
C ASN G 89 -3.06 11.24 -19.09
N ASP G 90 -3.93 10.29 -19.38
CA ASP G 90 -5.37 10.44 -19.17
C ASP G 90 -5.75 9.76 -17.87
N GLU G 91 -6.35 10.53 -16.96
CA GLU G 91 -6.62 10.02 -15.61
C GLU G 91 -7.59 8.84 -15.64
N GLU G 92 -8.66 8.95 -16.44
CA GLU G 92 -9.68 7.91 -16.45
C GLU G 92 -9.18 6.64 -17.14
N LEU G 93 -8.48 6.78 -18.26
CA LEU G 93 -7.87 5.62 -18.90
C LEU G 93 -6.80 5.01 -18.01
N ASN G 94 -6.04 5.84 -17.31
CA ASN G 94 -5.03 5.33 -16.39
C ASN G 94 -5.67 4.53 -15.26
N LYS G 95 -6.82 4.98 -14.76
CA LYS G 95 -7.55 4.20 -13.77
C LYS G 95 -8.05 2.89 -14.38
N LEU G 96 -8.59 2.93 -15.59
CA LEU G 96 -9.12 1.73 -16.21
C LEU G 96 -8.03 0.70 -16.47
N LEU G 97 -6.85 1.15 -16.87
CA LEU G 97 -5.73 0.27 -17.20
C LEU G 97 -4.62 0.36 -16.17
N GLY G 98 -4.98 0.47 -14.89
CA GLY G 98 -3.98 0.70 -13.86
C GLY G 98 -3.11 -0.50 -13.56
N ARG G 99 -3.60 -1.70 -13.81
CA ARG G 99 -2.86 -2.93 -13.57
C ARG G 99 -2.46 -3.62 -14.88
N VAL G 100 -2.28 -2.85 -15.94
CA VAL G 100 -1.96 -3.37 -17.26
C VAL G 100 -0.59 -2.87 -17.65
N THR G 101 0.25 -3.78 -18.14
CA THR G 101 1.54 -3.44 -18.72
C THR G 101 1.41 -3.39 -20.23
N ILE G 102 1.87 -2.29 -20.83
CA ILE G 102 1.89 -2.14 -22.27
C ILE G 102 3.32 -2.42 -22.73
N ALA G 103 3.49 -3.44 -23.57
CA ALA G 103 4.81 -3.84 -24.01
C ALA G 103 5.45 -2.75 -24.87
N GLN G 104 6.72 -2.47 -24.60
CA GLN G 104 7.49 -1.45 -25.32
C GLN G 104 6.87 -0.07 -25.19
N GLY G 105 6.19 0.18 -24.07
CA GLY G 105 5.58 1.47 -23.84
C GLY G 105 6.43 2.44 -23.05
N GLY G 106 7.37 1.90 -22.28
CA GLY G 106 8.18 2.76 -21.42
C GLY G 106 7.37 3.28 -20.24
N VAL G 107 7.87 4.38 -19.67
CA VAL G 107 7.22 5.05 -18.55
C VAL G 107 7.06 6.53 -18.89
N LEU G 108 6.36 7.23 -18.02
CA LEU G 108 6.22 8.68 -18.15
C LEU G 108 7.45 9.37 -17.56
N PRO G 109 8.01 10.37 -18.26
CA PRO G 109 9.14 11.12 -17.70
C PRO G 109 8.74 11.82 -16.42
N ASN G 110 9.40 11.44 -15.32
CA ASN G 110 9.06 11.96 -14.01
C ASN G 110 10.28 11.88 -13.10
N ILE G 111 10.79 13.03 -12.69
CA ILE G 111 11.87 13.12 -11.72
C ILE G 111 11.37 13.89 -10.52
N GLN G 112 11.53 13.30 -9.34
CA GLN G 112 11.10 13.97 -8.11
C GLN G 112 11.89 15.24 -7.89
N SER G 113 11.20 16.29 -7.45
CA SER G 113 11.82 17.61 -7.34
C SER G 113 12.98 17.62 -6.35
N VAL G 114 12.95 16.73 -5.34
CA VAL G 114 14.03 16.69 -4.36
C VAL G 114 15.32 16.21 -5.02
N LEU G 115 15.23 15.42 -6.08
CA LEU G 115 16.41 14.91 -6.77
C LEU G 115 17.03 15.91 -7.73
N LEU G 116 16.31 16.98 -8.07
CA LEU G 116 16.87 17.99 -8.96
C LEU G 116 17.90 18.84 -8.23
N PRO G 117 18.93 19.29 -8.93
CA PRO G 117 19.93 20.15 -8.28
C PRO G 117 19.36 21.51 -7.91
N LYS G 118 19.89 22.06 -6.83
CA LYS G 118 19.42 23.36 -6.34
C LYS G 118 20.43 24.46 -6.63
N THR H 29 -4.70 -22.08 -39.69
CA THR H 29 -6.05 -21.63 -40.00
C THR H 29 -6.21 -20.13 -39.82
N ARG H 30 -7.46 -19.67 -39.78
CA ARG H 30 -7.76 -18.25 -39.63
C ARG H 30 -7.76 -17.87 -38.16
N LYS H 31 -7.00 -16.84 -37.82
CA LYS H 31 -6.94 -16.31 -36.46
C LYS H 31 -7.68 -14.98 -36.44
N GLU H 32 -8.86 -14.97 -35.84
CA GLU H 32 -9.66 -13.75 -35.79
C GLU H 32 -9.08 -12.76 -34.80
N SER H 33 -9.13 -11.48 -35.16
CA SER H 33 -8.71 -10.40 -34.30
C SER H 33 -9.56 -9.18 -34.63
N TYR H 34 -9.35 -8.10 -33.87
CA TYR H 34 -10.08 -6.86 -34.05
C TYR H 34 -9.32 -5.86 -34.89
N ALA H 35 -8.27 -6.29 -35.59
CA ALA H 35 -7.36 -5.35 -36.24
C ALA H 35 -8.07 -4.49 -37.28
N ILE H 36 -8.91 -5.10 -38.12
CA ILE H 36 -9.53 -4.32 -39.20
C ILE H 36 -10.51 -3.30 -38.65
N TYR H 37 -11.25 -3.65 -37.60
CA TYR H 37 -12.17 -2.69 -36.98
C TYR H 37 -11.42 -1.58 -36.25
N VAL H 38 -10.32 -1.91 -35.58
CA VAL H 38 -9.50 -0.87 -34.97
C VAL H 38 -8.95 0.06 -36.03
N TYR H 39 -8.57 -0.50 -37.19
CA TYR H 39 -8.08 0.34 -38.29
C TYR H 39 -9.18 1.26 -38.83
N LYS H 40 -10.40 0.75 -38.95
CA LYS H 40 -11.50 1.60 -39.38
C LYS H 40 -11.75 2.73 -38.39
N VAL H 41 -11.72 2.43 -37.09
CA VAL H 41 -11.89 3.48 -36.09
C VAL H 41 -10.76 4.50 -36.17
N LEU H 42 -9.52 4.03 -36.36
CA LEU H 42 -8.38 4.93 -36.47
C LEU H 42 -8.52 5.86 -37.67
N LYS H 43 -8.95 5.32 -38.82
CA LYS H 43 -9.22 6.16 -39.98
C LYS H 43 -10.35 7.13 -39.73
N GLN H 44 -11.33 6.76 -38.91
CA GLN H 44 -12.38 7.71 -38.54
C GLN H 44 -11.81 8.87 -37.71
N VAL H 45 -10.95 8.57 -36.74
CA VAL H 45 -10.47 9.63 -35.85
C VAL H 45 -9.17 10.28 -36.31
N HIS H 46 -8.36 9.59 -37.12
CA HIS H 46 -7.09 10.13 -37.61
C HIS H 46 -6.85 9.58 -39.01
N PRO H 47 -7.45 10.21 -40.02
CA PRO H 47 -7.39 9.65 -41.38
C PRO H 47 -5.98 9.51 -41.94
N ASP H 48 -5.03 10.33 -41.48
CA ASP H 48 -3.68 10.33 -42.01
C ASP H 48 -2.68 9.61 -41.12
N THR H 49 -3.13 9.03 -40.02
CA THR H 49 -2.24 8.38 -39.06
C THR H 49 -2.35 6.87 -39.19
N GLY H 50 -1.21 6.20 -39.30
CA GLY H 50 -1.15 4.76 -39.30
C GLY H 50 -0.89 4.19 -37.93
N ILE H 51 -0.68 2.88 -37.89
CA ILE H 51 -0.43 2.17 -36.64
C ILE H 51 0.52 1.02 -36.91
N SER H 52 1.45 0.81 -35.98
CA SER H 52 2.40 -0.28 -36.10
C SER H 52 1.77 -1.60 -35.68
N SER H 53 2.42 -2.70 -36.08
CA SER H 53 1.88 -4.02 -35.80
C SER H 53 1.89 -4.33 -34.31
N LYS H 54 2.93 -3.89 -33.60
CA LYS H 54 2.96 -4.07 -32.14
C LYS H 54 1.88 -3.24 -31.46
N ALA H 55 1.67 -2.01 -31.91
CA ALA H 55 0.59 -1.19 -31.38
C ALA H 55 -0.77 -1.78 -31.70
N MET H 56 -0.91 -2.36 -32.89
CA MET H 56 -2.16 -3.04 -33.25
C MET H 56 -2.40 -4.24 -32.35
N SER H 57 -1.35 -4.99 -32.03
CA SER H 57 -1.48 -6.10 -31.10
C SER H 57 -1.89 -5.62 -29.72
N ILE H 58 -1.34 -4.50 -29.27
CA ILE H 58 -1.73 -3.94 -27.99
C ILE H 58 -3.20 -3.53 -28.00
N MET H 59 -3.66 -2.92 -29.10
CA MET H 59 -5.07 -2.53 -29.20
C MET H 59 -5.97 -3.76 -29.20
N ASN H 60 -5.57 -4.82 -29.88
CA ASN H 60 -6.34 -6.06 -29.86
C ASN H 60 -6.41 -6.63 -28.45
N SER H 61 -5.29 -6.61 -27.73
CA SER H 61 -5.27 -7.07 -26.35
C SER H 61 -6.22 -6.24 -25.48
N PHE H 62 -6.22 -4.92 -25.69
CA PHE H 62 -7.09 -4.03 -24.93
C PHE H 62 -8.56 -4.33 -25.20
N VAL H 63 -8.91 -4.52 -26.47
CA VAL H 63 -10.30 -4.81 -26.80
C VAL H 63 -10.74 -6.14 -26.18
N ASN H 64 -9.90 -7.16 -26.28
CA ASN H 64 -10.24 -8.46 -25.68
C ASN H 64 -10.37 -8.34 -24.17
N ASP H 65 -9.46 -7.61 -23.52
CA ASP H 65 -9.50 -7.45 -22.08
C ASP H 65 -10.78 -6.75 -21.62
N VAL H 66 -11.13 -5.64 -22.29
CA VAL H 66 -12.33 -4.92 -21.91
C VAL H 66 -13.57 -5.75 -22.17
N PHE H 67 -13.60 -6.48 -23.29
CA PHE H 67 -14.71 -7.38 -23.58
C PHE H 67 -14.86 -8.40 -22.46
N GLU H 68 -13.76 -9.04 -22.06
CA GLU H 68 -13.83 -10.06 -21.02
C GLU H 68 -14.32 -9.47 -19.71
N ARG H 69 -13.81 -8.30 -19.33
CA ARG H 69 -14.25 -7.67 -18.09
C ARG H 69 -15.75 -7.37 -18.10
N ILE H 70 -16.22 -6.73 -19.16
CA ILE H 70 -17.63 -6.36 -19.23
C ILE H 70 -18.51 -7.59 -19.26
N ALA H 71 -18.15 -8.59 -20.08
CA ALA H 71 -18.96 -9.79 -20.20
C ALA H 71 -19.00 -10.57 -18.89
N GLY H 72 -17.87 -10.66 -18.18
CA GLY H 72 -17.86 -11.32 -16.89
C GLY H 72 -18.72 -10.60 -15.86
N GLU H 73 -18.63 -9.27 -15.83
CA GLU H 73 -19.47 -8.51 -14.90
C GLU H 73 -20.95 -8.68 -15.23
N ALA H 74 -21.30 -8.66 -16.51
CA ALA H 74 -22.70 -8.83 -16.90
C ALA H 74 -23.19 -10.23 -16.57
N SER H 75 -22.34 -11.24 -16.75
CA SER H 75 -22.69 -12.60 -16.39
C SER H 75 -22.94 -12.73 -14.88
N ARG H 76 -22.07 -12.14 -14.07
CA ARG H 76 -22.27 -12.16 -12.63
C ARG H 76 -23.55 -11.41 -12.25
N LEU H 77 -23.84 -10.30 -12.93
CA LEU H 77 -25.05 -9.54 -12.65
C LEU H 77 -26.29 -10.37 -12.96
N ALA H 78 -26.27 -11.10 -14.08
CA ALA H 78 -27.40 -11.98 -14.41
C ALA H 78 -27.54 -13.09 -13.38
N HIS H 79 -26.42 -13.63 -12.91
CA HIS H 79 -26.47 -14.70 -11.92
C HIS H 79 -27.00 -14.20 -10.58
N TYR H 80 -26.60 -12.99 -10.16
CA TYR H 80 -27.04 -12.49 -8.86
C TYR H 80 -28.53 -12.25 -8.82
N ASN H 81 -29.13 -11.92 -9.96
CA ASN H 81 -30.55 -11.63 -10.05
C ASN H 81 -31.36 -12.82 -10.55
N LYS H 82 -30.76 -14.01 -10.58
CA LYS H 82 -31.43 -15.24 -10.99
C LYS H 82 -32.00 -15.13 -12.40
N ARG H 83 -31.28 -14.44 -13.27
CA ARG H 83 -31.63 -14.32 -14.68
C ARG H 83 -30.72 -15.21 -15.51
N SER H 84 -31.27 -15.75 -16.60
CA SER H 84 -30.52 -16.63 -17.48
C SER H 84 -30.06 -15.95 -18.76
N THR H 85 -30.48 -14.72 -19.02
CA THR H 85 -30.12 -14.01 -20.24
C THR H 85 -29.35 -12.74 -19.91
N ILE H 86 -28.34 -12.45 -20.71
CA ILE H 86 -27.62 -11.18 -20.64
C ILE H 86 -28.24 -10.25 -21.67
N THR H 87 -28.73 -9.11 -21.19
CA THR H 87 -29.39 -8.11 -22.03
C THR H 87 -28.58 -6.82 -22.01
N SER H 88 -29.06 -5.82 -22.75
CA SER H 88 -28.37 -4.54 -22.78
C SER H 88 -28.38 -3.86 -21.41
N ARG H 89 -29.37 -4.15 -20.58
CA ARG H 89 -29.40 -3.61 -19.23
C ARG H 89 -28.24 -4.12 -18.39
N GLU H 90 -27.96 -5.43 -18.48
CA GLU H 90 -26.81 -5.99 -17.77
C GLU H 90 -25.51 -5.38 -18.28
N ILE H 91 -25.40 -5.18 -19.60
CA ILE H 91 -24.20 -4.56 -20.16
C ILE H 91 -24.05 -3.14 -19.65
N GLN H 92 -25.15 -2.40 -19.57
CA GLN H 92 -25.10 -1.03 -19.07
C GLN H 92 -24.65 -0.98 -17.61
N THR H 93 -25.20 -1.86 -16.78
CA THR H 93 -24.79 -1.89 -15.38
C THR H 93 -23.33 -2.30 -15.24
N ALA H 94 -22.89 -3.27 -16.03
CA ALA H 94 -21.49 -3.68 -16.00
C ALA H 94 -20.57 -2.54 -16.43
N VAL H 95 -20.98 -1.78 -17.45
CA VAL H 95 -20.18 -0.64 -17.91
C VAL H 95 -20.08 0.41 -16.82
N ARG H 96 -21.19 0.69 -16.13
CA ARG H 96 -21.15 1.65 -15.03
C ARG H 96 -20.26 1.15 -13.89
N LEU H 97 -20.31 -0.15 -13.60
CA LEU H 97 -19.47 -0.70 -12.53
C LEU H 97 -17.99 -0.63 -12.89
N LEU H 98 -17.64 -0.91 -14.14
CA LEU H 98 -16.25 -1.09 -14.53
C LEU H 98 -15.58 0.19 -15.00
N LEU H 99 -16.33 1.17 -15.40
CA LEU H 99 -15.65 2.31 -15.98
C LEU H 99 -15.69 3.50 -15.03
N PRO H 100 -14.63 4.33 -15.04
CA PRO H 100 -14.65 5.56 -14.23
C PRO H 100 -15.66 6.57 -14.76
N GLY H 101 -15.97 7.58 -13.96
CA GLY H 101 -17.13 8.44 -14.15
C GLY H 101 -17.44 8.95 -15.55
N GLU H 102 -16.59 9.80 -16.11
CA GLU H 102 -16.87 10.37 -17.42
C GLU H 102 -16.82 9.32 -18.51
N LEU H 103 -15.86 8.39 -18.43
CA LEU H 103 -15.81 7.28 -19.37
C LEU H 103 -17.10 6.46 -19.31
N ALA H 104 -17.58 6.16 -18.11
CA ALA H 104 -18.81 5.40 -17.96
C ALA H 104 -20.00 6.16 -18.55
N LYS H 105 -20.11 7.46 -18.27
CA LYS H 105 -21.23 8.24 -18.80
C LYS H 105 -21.21 8.25 -20.32
N HIS H 106 -20.06 8.52 -20.92
CA HIS H 106 -20.00 8.60 -22.38
C HIS H 106 -20.21 7.23 -23.02
N ALA H 107 -19.66 6.17 -22.43
CA ALA H 107 -19.87 4.83 -22.98
C ALA H 107 -21.33 4.42 -22.88
N VAL H 108 -22.00 4.76 -21.77
CA VAL H 108 -23.42 4.48 -21.64
C VAL H 108 -24.21 5.22 -22.70
N SER H 109 -23.85 6.49 -22.95
CA SER H 109 -24.53 7.25 -23.99
C SER H 109 -24.35 6.60 -25.36
N GLU H 110 -23.12 6.20 -25.71
CA GLU H 110 -22.89 5.57 -27.00
C GLU H 110 -23.64 4.24 -27.13
N GLY H 111 -23.61 3.41 -26.08
CA GLY H 111 -24.32 2.15 -26.14
C GLY H 111 -25.82 2.34 -26.28
N THR H 112 -26.39 3.29 -25.53
CA THR H 112 -27.82 3.56 -25.63
C THR H 112 -28.18 4.08 -27.02
N LYS H 113 -27.37 4.98 -27.58
CA LYS H 113 -27.65 5.49 -28.92
C LYS H 113 -27.57 4.40 -29.97
N ALA H 114 -26.58 3.52 -29.86
CA ALA H 114 -26.46 2.41 -30.80
C ALA H 114 -27.65 1.47 -30.70
N VAL H 115 -28.08 1.14 -29.48
CA VAL H 115 -29.22 0.24 -29.31
C VAL H 115 -30.49 0.89 -29.86
N THR H 116 -30.68 2.19 -29.60
CA THR H 116 -31.84 2.89 -30.13
C THR H 116 -31.85 2.87 -31.66
N LYS H 117 -30.71 3.19 -32.27
CA LYS H 117 -30.64 3.18 -33.73
C LYS H 117 -30.87 1.78 -34.29
N TYR H 118 -30.32 0.76 -33.62
CA TYR H 118 -30.49 -0.61 -34.08
C TYR H 118 -31.96 -1.02 -34.05
N THR H 119 -32.63 -0.80 -32.92
CA THR H 119 -34.05 -1.16 -32.86
C THR H 119 -34.91 -0.30 -33.78
N SER H 120 -34.48 0.93 -34.07
CA SER H 120 -35.21 1.74 -35.04
C SER H 120 -35.03 1.19 -36.45
N ALA H 121 -33.90 0.58 -36.75
CA ALA H 121 -33.64 -0.06 -38.04
C ALA H 121 -33.76 -1.58 -37.95
N LYS H 122 -34.65 -2.08 -37.07
CA LYS H 122 -34.87 -3.50 -36.84
C LYS H 122 -33.65 -4.23 -36.26
N LYS K 175 18.04 56.50 36.70
CA LYS K 175 17.29 57.56 37.35
C LYS K 175 17.16 57.29 38.85
N ALA K 176 15.97 56.84 39.26
CA ALA K 176 15.72 56.48 40.64
C ALA K 176 16.47 55.23 41.06
N LEU K 177 17.09 54.53 40.11
CA LEU K 177 17.95 53.41 40.47
C LEU K 177 19.04 53.84 41.43
N GLN K 178 19.48 55.10 41.33
CA GLN K 178 20.47 55.61 42.28
C GLN K 178 19.96 55.54 43.71
N LYS K 179 18.77 56.09 43.96
CA LYS K 179 18.25 56.10 45.31
C LYS K 179 17.85 54.71 45.77
N GLU K 180 17.37 53.86 44.86
CA GLU K 180 17.05 52.50 45.25
C GLU K 180 18.30 51.73 45.65
N LEU K 181 19.39 51.90 44.90
CA LEU K 181 20.67 51.32 45.32
C LEU K 181 21.11 51.86 46.67
N GLU K 182 20.93 53.17 46.90
CA GLU K 182 21.39 53.77 48.15
C GLU K 182 20.61 53.20 49.33
N GLN K 183 19.29 53.07 49.18
CA GLN K 183 18.48 52.46 50.24
C GLN K 183 18.88 51.00 50.47
N PHE K 184 19.10 50.25 49.39
CA PHE K 184 19.55 48.88 49.54
C PHE K 184 20.87 48.81 50.27
N ALA K 185 21.79 49.73 49.96
CA ALA K 185 23.11 49.71 50.58
C ALA K 185 23.03 50.04 52.07
N LYS K 186 22.18 51.00 52.43
CA LYS K 186 22.01 51.31 53.85
C LYS K 186 21.44 50.11 54.61
N LEU K 187 20.41 49.49 54.05
CA LEU K 187 19.90 48.29 54.70
C LEU K 187 20.93 47.17 54.72
N LEU K 188 21.77 47.08 53.69
CA LEU K 188 22.82 46.07 53.65
C LEU K 188 23.83 46.29 54.77
N LYS K 189 24.22 47.54 55.00
CA LYS K 189 25.08 47.86 56.13
C LYS K 189 24.43 47.45 57.43
N GLN K 190 23.13 47.74 57.57
CA GLN K 190 22.45 47.37 58.81
C GLN K 190 22.44 45.85 59.02
N LYS K 191 22.13 45.08 57.98
CA LYS K 191 22.15 43.63 58.15
C LYS K 191 23.55 43.10 58.42
N ARG K 192 24.56 43.65 57.76
CA ARG K 192 25.92 43.17 58.02
C ARG K 192 26.33 43.45 59.47
N ILE K 193 26.02 44.64 59.97
CA ILE K 193 26.36 44.96 61.35
C ILE K 193 25.55 44.09 62.31
N THR K 194 24.30 43.81 61.98
CA THR K 194 23.46 42.99 62.87
C THR K 194 23.91 41.54 62.89
N LEU K 195 24.42 41.03 61.78
CA LEU K 195 24.80 39.63 61.67
C LEU K 195 26.18 39.33 62.20
N GLY K 196 26.96 40.34 62.57
CA GLY K 196 28.29 40.10 63.08
C GLY K 196 29.26 39.54 62.06
N TYR K 197 29.28 40.09 60.86
CA TYR K 197 30.19 39.67 59.80
C TYR K 197 31.06 40.84 59.38
N THR K 198 32.37 40.62 59.31
CA THR K 198 33.29 41.60 58.78
C THR K 198 33.23 41.58 57.25
N GLN K 199 33.74 42.67 56.64
CA GLN K 199 33.69 42.75 55.19
C GLN K 199 34.55 41.67 54.53
N ALA K 200 35.71 41.38 55.12
CA ALA K 200 36.49 40.25 54.63
C ALA K 200 35.70 38.94 54.77
N ASP K 201 34.97 38.79 55.88
CA ASP K 201 34.10 37.64 56.03
C ASP K 201 32.98 37.65 54.99
N VAL K 202 32.48 38.84 54.64
CA VAL K 202 31.46 38.92 53.59
C VAL K 202 32.03 38.45 52.25
N GLY K 203 33.25 38.86 51.93
CA GLY K 203 33.89 38.38 50.72
C GLY K 203 34.11 36.88 50.74
N LEU K 204 34.51 36.34 51.89
CA LEU K 204 34.68 34.89 52.01
C LEU K 204 33.37 34.15 51.81
N THR K 205 32.28 34.66 52.39
CA THR K 205 30.98 34.04 52.20
C THR K 205 30.53 34.11 50.75
N LEU K 206 30.74 35.26 50.10
CA LEU K 206 30.40 35.37 48.68
C LEU K 206 31.20 34.37 47.85
N GLY K 207 32.47 34.19 48.18
CA GLY K 207 33.28 33.21 47.47
C GLY K 207 32.80 31.79 47.69
N VAL K 208 32.49 31.42 48.93
CA VAL K 208 32.09 30.04 49.22
C VAL K 208 30.64 29.75 48.84
N LEU K 209 29.86 30.78 48.48
CA LEU K 209 28.50 30.56 48.01
C LEU K 209 28.31 30.82 46.52
N PHE K 210 29.25 31.49 45.85
CA PHE K 210 29.11 31.72 44.42
C PHE K 210 30.38 31.33 43.65
N GLY K 211 31.53 31.42 44.30
CA GLY K 211 32.80 31.16 43.66
C GLY K 211 33.59 32.39 43.26
N LYS K 212 32.94 33.55 43.18
CA LYS K 212 33.62 34.81 42.86
C LYS K 212 33.87 35.55 44.16
N VAL K 213 34.94 35.17 44.84
CA VAL K 213 35.32 35.82 46.09
C VAL K 213 35.77 37.25 45.80
N PHE K 214 35.25 38.19 46.58
CA PHE K 214 35.58 39.59 46.42
C PHE K 214 36.38 40.08 47.62
N SER K 215 37.22 41.08 47.39
CA SER K 215 38.05 41.64 48.44
C SER K 215 37.28 42.67 49.24
N GLN K 216 37.72 42.88 50.48
CA GLN K 216 37.00 43.74 51.40
C GLN K 216 37.00 45.20 50.95
N THR K 217 37.94 45.59 50.08
CA THR K 217 37.91 46.95 49.54
C THR K 217 36.67 47.18 48.69
N THR K 218 36.27 46.16 47.93
CA THR K 218 35.05 46.30 47.12
C THR K 218 33.82 46.46 48.01
N ILE K 219 33.75 45.71 49.11
CA ILE K 219 32.61 45.85 50.02
C ILE K 219 32.62 47.22 50.69
N CYS K 220 33.81 47.71 51.07
CA CYS K 220 33.91 49.06 51.61
C CYS K 220 33.37 50.09 50.63
N ARG K 221 33.88 50.05 49.39
CA ARG K 221 33.45 51.02 48.39
C ARG K 221 31.97 50.86 48.04
N PHE K 222 31.42 49.67 48.25
CA PHE K 222 29.99 49.47 48.07
C PHE K 222 29.21 50.18 49.16
N GLU K 223 29.48 49.82 50.42
CA GLU K 223 28.72 50.37 51.54
C GLU K 223 28.88 51.88 51.63
N ALA K 224 30.01 52.42 51.18
CA ALA K 224 30.19 53.85 51.09
C ALA K 224 29.76 54.40 49.73
N LEU K 225 29.29 53.54 48.83
CA LEU K 225 28.78 53.94 47.52
C LEU K 225 29.86 54.68 46.72
N GLN K 226 31.00 54.01 46.56
CA GLN K 226 32.13 54.57 45.81
C GLN K 226 32.29 53.97 44.44
N LEU K 227 31.86 52.72 44.23
CA LEU K 227 32.04 52.05 42.96
C LEU K 227 31.21 52.73 41.88
N SER K 228 31.53 52.41 40.63
CA SER K 228 30.83 53.00 39.49
C SER K 228 29.44 52.39 39.35
N PHE K 229 28.62 53.05 38.54
CA PHE K 229 27.22 52.66 38.40
C PHE K 229 27.07 51.26 37.82
N LYS K 230 27.82 50.96 36.76
CA LYS K 230 27.75 49.62 36.18
C LYS K 230 28.19 48.57 37.19
N ASN K 231 29.27 48.83 37.92
CA ASN K 231 29.70 47.92 38.97
C ASN K 231 28.66 47.86 40.08
N MET K 232 28.03 48.98 40.39
CA MET K 232 26.96 49.02 41.39
C MET K 232 25.89 48.00 41.04
N CYS K 233 25.38 48.07 39.81
CA CYS K 233 24.34 47.14 39.38
C CYS K 233 24.87 45.71 39.33
N LYS K 234 26.15 45.55 38.95
CA LYS K 234 26.70 44.20 38.80
C LYS K 234 26.77 43.48 40.14
N LEU K 235 27.18 44.18 41.20
CA LEU K 235 27.20 43.53 42.52
C LEU K 235 25.89 43.63 43.29
N ARG K 236 24.88 44.33 42.80
CA ARG K 236 23.59 44.26 43.49
C ARG K 236 23.07 42.83 43.65
N PRO K 237 22.99 41.99 42.60
CA PRO K 237 22.29 40.70 42.77
C PRO K 237 22.99 39.75 43.71
N LEU K 238 24.32 39.70 43.70
CA LEU K 238 25.02 38.77 44.57
C LEU K 238 24.74 39.07 46.03
N LEU K 239 24.78 40.35 46.40
CA LEU K 239 24.51 40.73 47.78
C LEU K 239 23.04 40.52 48.13
N GLN K 240 22.14 40.77 47.18
CA GLN K 240 20.73 40.46 47.41
C GLN K 240 20.56 38.99 47.76
N LYS K 241 21.17 38.11 46.97
CA LYS K 241 21.05 36.68 47.22
C LYS K 241 21.67 36.29 48.56
N TRP K 242 22.83 36.87 48.89
CA TRP K 242 23.47 36.50 50.15
C TRP K 242 22.62 36.91 51.35
N VAL K 243 22.07 38.12 51.32
CA VAL K 243 21.25 38.56 52.46
C VAL K 243 19.94 37.78 52.50
N GLU K 244 19.43 37.34 51.36
CA GLU K 244 18.19 36.57 51.38
C GLU K 244 18.40 35.10 51.73
N GLU K 245 19.64 34.62 51.66
CA GLU K 245 19.91 33.21 51.93
C GLU K 245 20.56 32.94 53.28
N ALA K 246 21.49 33.78 53.73
CA ALA K 246 22.30 33.49 54.91
C ALA K 246 21.50 33.54 56.21
N ASP K 247 20.27 34.04 56.19
CA ASP K 247 19.51 34.20 57.42
C ASP K 247 19.09 32.88 58.05
N ASN K 248 19.17 31.77 57.33
CA ASN K 248 18.62 30.51 57.84
C ASN K 248 19.56 29.86 58.86
N ASN K 249 20.77 29.53 58.44
CA ASN K 249 21.74 28.90 59.33
C ASN K 249 23.13 29.42 59.00
N GLU K 250 23.92 29.69 60.04
CA GLU K 250 25.25 30.25 59.88
C GLU K 250 26.37 29.27 60.19
N ASN K 251 26.11 28.26 61.04
CA ASN K 251 27.18 27.37 61.49
C ASN K 251 27.77 26.57 60.33
N LEU K 252 26.91 25.95 59.52
CA LEU K 252 27.40 25.14 58.42
C LEU K 252 28.15 25.98 57.39
N GLN K 253 27.64 27.18 57.10
CA GLN K 253 28.33 28.07 56.19
C GLN K 253 29.71 28.46 56.73
N GLU K 254 29.79 28.73 58.04
CA GLU K 254 31.07 29.08 58.64
C GLU K 254 32.05 27.91 58.54
N ILE K 255 31.56 26.70 58.78
CA ILE K 255 32.44 25.52 58.76
C ILE K 255 32.73 25.12 57.32
N GLU K 273 57.89 45.61 43.47
CA GLU K 273 58.72 46.27 44.46
C GLU K 273 59.50 47.40 43.80
N ASN K 274 59.98 48.33 44.62
CA ASN K 274 60.46 49.61 44.12
C ASN K 274 61.68 49.48 43.22
N ARG K 275 62.59 48.55 43.51
CA ARG K 275 63.77 48.39 42.66
C ARG K 275 63.38 47.82 41.29
N VAL K 276 62.43 46.88 41.26
CA VAL K 276 61.90 46.41 39.98
C VAL K 276 61.24 47.56 39.23
N ARG K 277 60.50 48.40 39.94
CA ARG K 277 59.88 49.56 39.29
C ARG K 277 60.92 50.48 38.69
N GLY K 278 61.99 50.75 39.43
CA GLY K 278 63.05 51.61 38.92
C GLY K 278 63.77 51.00 37.73
N ASN K 279 64.02 49.69 37.79
CA ASN K 279 64.67 49.02 36.66
C ASN K 279 63.79 49.08 35.42
N LEU K 280 62.48 48.85 35.58
CA LEU K 280 61.60 48.90 34.42
C LEU K 280 61.51 50.33 33.87
N GLU K 281 61.47 51.33 34.75
CA GLU K 281 61.50 52.71 34.27
C GLU K 281 62.78 53.00 33.50
N ASN K 282 63.91 52.46 33.97
CA ASN K 282 65.16 52.55 33.23
C ASN K 282 65.05 51.87 31.87
N LEU K 283 64.35 50.73 31.82
CA LEU K 283 64.11 50.06 30.54
C LEU K 283 63.27 50.90 29.61
N PHE K 284 62.40 51.75 30.15
CA PHE K 284 61.77 52.77 29.32
C PHE K 284 62.72 53.95 29.14
N LEU K 285 62.23 54.96 28.43
CA LEU K 285 62.93 56.12 27.93
C LEU K 285 63.88 55.77 26.78
N GLN K 286 64.01 54.49 26.44
CA GLN K 286 64.81 54.07 25.29
C GLN K 286 64.03 53.26 24.26
N CYS K 287 63.18 52.33 24.69
CA CYS K 287 62.36 51.53 23.78
C CYS K 287 60.94 51.46 24.35
N PRO K 288 60.06 52.35 23.90
CA PRO K 288 58.71 52.42 24.50
C PRO K 288 57.91 51.14 24.36
N LYS K 289 57.97 50.48 23.21
CA LYS K 289 57.17 49.28 22.95
C LYS K 289 58.14 48.16 22.56
N PRO K 290 58.63 47.41 23.53
CA PRO K 290 59.52 46.30 23.21
C PRO K 290 58.77 45.12 22.61
N THR K 291 59.52 44.28 21.92
CA THR K 291 58.98 43.06 21.34
C THR K 291 58.87 41.97 22.39
N LEU K 292 58.11 40.92 22.06
CA LEU K 292 57.99 39.78 22.97
C LEU K 292 59.34 39.11 23.20
N GLN K 293 60.22 39.16 22.21
CA GLN K 293 61.57 38.60 22.36
C GLN K 293 62.32 39.30 23.48
N GLN K 294 62.21 40.63 23.56
CA GLN K 294 62.81 41.36 24.66
C GLN K 294 62.00 41.20 25.95
N ILE K 295 60.69 41.04 25.84
CA ILE K 295 59.84 40.90 27.02
C ILE K 295 60.21 39.65 27.80
N SER K 296 60.48 38.55 27.09
CA SER K 296 60.89 37.32 27.77
C SER K 296 62.19 37.52 28.55
N HIS K 297 63.15 38.21 27.93
CA HIS K 297 64.40 38.50 28.62
C HIS K 297 64.17 39.37 29.85
N ILE K 298 63.32 40.39 29.72
CA ILE K 298 63.02 41.26 30.85
C ILE K 298 62.39 40.46 31.99
N ALA K 299 61.44 39.58 31.64
CA ALA K 299 60.77 38.78 32.65
C ALA K 299 61.75 37.87 33.36
N GLN K 300 62.64 37.20 32.62
CA GLN K 300 63.62 36.33 33.25
C GLN K 300 64.62 37.13 34.09
N GLN K 301 64.94 38.35 33.65
CA GLN K 301 65.91 39.17 34.38
C GLN K 301 65.37 39.56 35.74
N LEU K 302 64.13 40.06 35.79
CA LEU K 302 63.58 40.51 37.06
C LEU K 302 62.68 39.49 37.76
N GLY K 303 62.63 38.25 37.27
CA GLY K 303 61.92 37.23 38.01
C GLY K 303 60.42 37.38 38.04
N LEU K 304 59.85 38.15 37.12
CA LEU K 304 58.41 38.35 37.06
C LEU K 304 57.79 37.45 36.01
N GLU K 305 56.52 37.13 36.23
CA GLU K 305 55.78 36.32 35.26
C GLU K 305 55.63 37.07 33.95
N LYS K 306 55.56 36.30 32.85
CA LYS K 306 55.46 36.90 31.53
C LYS K 306 54.16 37.70 31.39
N ASP K 307 53.04 37.13 31.85
CA ASP K 307 51.77 37.84 31.77
C ASP K 307 51.77 39.08 32.66
N VAL K 308 52.37 38.98 33.84
CA VAL K 308 52.45 40.14 34.72
C VAL K 308 53.25 41.26 34.05
N VAL K 309 54.39 40.91 33.46
CA VAL K 309 55.20 41.95 32.82
C VAL K 309 54.49 42.53 31.61
N ARG K 310 53.76 41.69 30.85
CA ARG K 310 53.05 42.18 29.68
C ARG K 310 51.95 43.16 30.08
N VAL K 311 51.15 42.81 31.09
CA VAL K 311 50.08 43.71 31.50
C VAL K 311 50.66 44.98 32.13
N TRP K 312 51.77 44.87 32.87
CA TRP K 312 52.35 46.06 33.46
C TRP K 312 52.89 46.97 32.37
N PHE K 313 53.46 46.39 31.32
CA PHE K 313 53.94 47.16 30.17
C PHE K 313 52.79 47.89 29.50
N CYS K 314 51.67 47.17 29.32
CA CYS K 314 50.50 47.80 28.70
C CYS K 314 50.00 48.96 29.54
N ASN K 315 49.93 48.79 30.87
CA ASN K 315 49.43 49.87 31.71
C ASN K 315 50.43 51.02 31.81
N ARG K 316 51.73 50.74 31.73
CA ARG K 316 52.72 51.79 31.62
C ARG K 316 52.46 52.64 30.39
N ARG K 317 52.30 51.99 29.24
CA ARG K 317 51.96 52.72 28.02
C ARG K 317 50.67 53.50 28.21
N GLN K 318 49.69 52.91 28.89
CA GLN K 318 48.39 53.53 29.05
C GLN K 318 48.50 54.82 29.85
N LYS K 319 49.22 54.78 30.98
CA LYS K 319 49.28 55.96 31.81
C LYS K 319 50.20 57.01 31.21
N GLY K 320 51.22 56.58 30.43
CA GLY K 320 52.03 57.54 29.71
C GLY K 320 51.31 58.18 28.54
N LYS K 321 50.31 57.51 27.98
CA LYS K 321 49.50 58.09 26.92
C LYS K 321 48.31 58.89 27.45
N ARG K 322 47.97 58.73 28.73
CA ARG K 322 47.01 59.65 29.36
C ARG K 322 47.38 61.10 29.12
N SER K 323 48.62 61.47 29.41
CA SER K 323 49.05 62.85 29.28
C SER K 323 49.57 63.11 27.87
#